data_6IMN
#
_entry.id   6IMN
#
_cell.length_a   58.235
_cell.length_b   113.989
_cell.length_c   243.068
_cell.angle_alpha   90.00
_cell.angle_beta   90.00
_cell.angle_gamma   90.00
#
_symmetry.space_group_name_H-M   'P 21 21 21'
#
loop_
_entity.id
_entity.type
_entity.pdbx_description
1 polymer 'DNA ligase'
2 polymer "DNA (5'-D(*CP*CP*AP*GP*TP*CP*CP*GP*AP*CP*CP*CP*GP*CP*AP*TP*CP*CP*CP*GP*GP*A)-3')"
3 polymer "DNA (5'-D(*TP*CP*CP*GP*GP*GP*AP*TP*GP*CP*GP*TP*GP*TP*CP*GP*GP*AP*CP*TP*GP*G)-3')"
4 non-polymer 'CHLORIDE ION'
5 water water
#
loop_
_entity_poly.entity_id
_entity_poly.type
_entity_poly.pdbx_seq_one_letter_code
_entity_poly.pdbx_strand_id
1 'polypeptide(L)'
;MLNQFPGQYSNNIFCFPPIESETKSGKKASWIICVQVVQHNTIIPITDEMFSTDVKDAVAEIFTKFFVEEGAVRISKMTR
VTEGKNLGKKNATTVVHQAFKDALSKYNRHARQKRGAHTNRGMIPPMLVKYFNIIPKTFFEEETDPIVQRKRNGVRAVAC
QQGDGCILLYSRTEKEFLGLDNIKKELKQLYLFIDVRVYLDGELYLHRKPLQWIAGQANAKTDSSELHFYVFDCFWSDQL
QMPSNKRQQLLTNIFKQKEDLTFIHQVENFSVKNVDEALRLKAQFIKEGYEGAIVRNANGPYEPGYNNYHSAHLAKLKPL
LDAEFILVDYTQGKKGKDLGAILWVCELPNKKRFVVTPKHLTYADRYALFQKLTPALFKKHLYGKELTVEYAELSPKTGI
PLQARAVGFREPINVLEII
;
A,B
2 'polydeoxyribonucleotide'
;(DC)(DC)(DA)(DG)(DT)(DC)(DC)(DG)(DA)(DC)(DC)(DC)(DG)(DC)(DA)(DT)(DC)(DC)(DC)(DG)
(DG)(DA)
;
C,F
3 'polydeoxyribonucleotide'
;(DT)(DC)(DC)(DG)(DG)(DG)(DA)(DT)(DG)(DC)(DG)(DT)(DG)(DT)(DC)(DG)(DG)(DA)(DC)(DT)
(DG)(DG)
;
D,G
#
loop_
_chem_comp.id
_chem_comp.type
_chem_comp.name
_chem_comp.formula
CL non-polymer 'CHLORIDE ION' 'Cl -1'
DA DNA linking 2'-DEOXYADENOSINE-5'-MONOPHOSPHATE 'C10 H14 N5 O6 P'
DC DNA linking 2'-DEOXYCYTIDINE-5'-MONOPHOSPHATE 'C9 H14 N3 O7 P'
DG DNA linking 2'-DEOXYGUANOSINE-5'-MONOPHOSPHATE 'C10 H14 N5 O7 P'
DT DNA linking THYMIDINE-5'-MONOPHOSPHATE 'C10 H15 N2 O8 P'
#
# COMPACT_ATOMS: atom_id res chain seq x y z
N MET A 1 -0.20 -10.65 -59.68
CA MET A 1 1.19 -10.73 -60.12
C MET A 1 2.12 -10.06 -59.12
N LEU A 2 2.92 -9.11 -59.59
CA LEU A 2 3.75 -8.34 -58.68
C LEU A 2 2.98 -7.18 -58.07
N ASN A 3 2.00 -6.64 -58.79
CA ASN A 3 1.19 -5.54 -58.31
C ASN A 3 0.12 -5.97 -57.31
N GLN A 4 0.20 -7.20 -56.81
CA GLN A 4 -0.54 -7.54 -55.60
C GLN A 4 -0.21 -6.58 -54.46
N PHE A 5 0.99 -6.00 -54.49
CA PHE A 5 1.57 -5.18 -53.44
C PHE A 5 1.40 -3.72 -53.78
N PRO A 6 0.98 -2.89 -52.83
CA PRO A 6 0.93 -1.45 -53.08
C PRO A 6 2.33 -0.87 -53.23
N GLY A 7 2.44 0.22 -53.99
CA GLY A 7 3.70 0.89 -54.18
C GLY A 7 3.98 1.15 -55.64
N GLN A 8 5.24 1.44 -55.94
CA GLN A 8 5.68 1.80 -57.27
C GLN A 8 7.01 1.12 -57.56
N TYR A 9 7.14 0.52 -58.74
CA TYR A 9 8.37 -0.12 -59.18
C TYR A 9 9.16 0.84 -60.08
N SER A 10 10.37 1.18 -59.64
CA SER A 10 11.23 2.06 -60.41
C SER A 10 12.67 1.85 -60.00
N ASN A 11 13.57 1.85 -61.00
CA ASN A 11 15.00 1.75 -60.77
C ASN A 11 15.37 0.49 -59.97
N ASN A 12 14.89 -0.66 -60.45
CA ASN A 12 15.25 -1.96 -59.93
C ASN A 12 14.80 -2.16 -58.49
N ILE A 13 13.88 -1.30 -58.04
CA ILE A 13 13.56 -1.16 -56.63
C ILE A 13 12.05 -0.96 -56.49
N PHE A 14 11.44 -1.67 -55.55
CA PHE A 14 10.02 -1.53 -55.28
C PHE A 14 9.85 -1.06 -53.85
N CYS A 15 9.47 0.20 -53.69
CA CYS A 15 9.20 0.79 -52.38
C CYS A 15 7.70 0.85 -52.13
N PHE A 16 7.30 0.51 -50.92
CA PHE A 16 5.90 0.53 -50.54
C PHE A 16 5.42 1.97 -50.34
N PRO A 17 4.11 2.20 -50.33
CA PRO A 17 3.60 3.55 -50.10
C PRO A 17 4.10 4.09 -48.78
N PRO A 18 4.58 5.34 -48.75
CA PRO A 18 5.02 5.92 -47.49
C PRO A 18 3.90 5.93 -46.46
N ILE A 19 4.26 5.67 -45.21
CA ILE A 19 3.38 5.92 -44.08
C ILE A 19 3.93 7.16 -43.38
N GLU A 20 3.05 8.10 -43.06
CA GLU A 20 3.48 9.39 -42.56
C GLU A 20 2.84 9.66 -41.21
N SER A 21 3.67 9.79 -40.19
CA SER A 21 3.26 10.04 -38.82
C SER A 21 3.74 11.43 -38.44
N GLU A 22 3.08 12.00 -37.45
CA GLU A 22 3.49 13.32 -36.97
C GLU A 22 4.33 13.20 -35.70
N THR A 23 5.45 13.90 -35.69
CA THR A 23 6.35 13.86 -34.55
C THR A 23 5.70 14.61 -33.39
N LYS A 24 6.23 14.38 -32.19
CA LYS A 24 5.63 15.03 -31.03
C LYS A 24 5.67 16.53 -31.17
N SER A 25 6.73 17.06 -31.78
CA SER A 25 6.87 18.50 -32.04
C SER A 25 5.99 18.97 -33.20
N GLY A 26 4.94 18.23 -33.53
CA GLY A 26 3.94 18.65 -34.51
C GLY A 26 4.28 18.42 -35.97
N LYS A 27 5.53 18.14 -36.30
CA LYS A 27 5.95 18.05 -37.70
C LYS A 27 5.53 16.73 -38.33
N LYS A 28 5.63 16.68 -39.66
CA LYS A 28 5.28 15.49 -40.45
C LYS A 28 6.53 14.70 -40.75
N ALA A 29 6.44 13.38 -40.59
CA ALA A 29 7.54 12.45 -40.85
C ALA A 29 7.10 11.40 -41.86
N SER A 30 8.04 10.94 -42.67
CA SER A 30 7.77 9.96 -43.71
C SER A 30 8.68 8.74 -43.52
N TRP A 31 8.20 7.58 -43.95
CA TRP A 31 8.92 6.34 -43.72
C TRP A 31 8.68 5.40 -44.90
N ILE A 32 9.77 4.85 -45.44
CA ILE A 32 9.74 4.08 -46.68
C ILE A 32 10.35 2.72 -46.42
N ILE A 33 9.69 1.67 -46.89
CA ILE A 33 10.23 0.31 -46.88
C ILE A 33 10.41 -0.14 -48.33
N CYS A 34 11.58 -0.70 -48.64
CA CYS A 34 11.98 -0.99 -50.01
C CYS A 34 12.76 -2.29 -50.08
N VAL A 35 12.76 -2.92 -51.27
CA VAL A 35 13.38 -4.22 -51.50
C VAL A 35 14.21 -4.17 -52.78
N GLN A 36 15.39 -4.82 -52.77
CA GLN A 36 16.26 -4.88 -53.94
C GLN A 36 16.64 -6.32 -54.26
N VAL A 37 17.47 -6.48 -55.30
CA VAL A 37 17.64 -7.77 -55.96
C VAL A 37 19.10 -7.98 -56.37
N VAL A 38 19.96 -8.06 -55.39
CA VAL A 38 21.37 -8.15 -55.66
C VAL A 38 21.92 -9.50 -56.03
N GLN A 39 22.68 -9.47 -57.12
CA GLN A 39 23.44 -10.59 -57.57
C GLN A 39 24.84 -10.04 -57.79
N HIS A 40 25.80 -10.65 -57.15
CA HIS A 40 27.17 -10.25 -57.40
C HIS A 40 27.41 -8.77 -57.47
N ASN A 41 27.05 -8.08 -56.40
CA ASN A 41 27.25 -6.65 -56.25
C ASN A 41 26.62 -5.80 -57.33
N THR A 42 25.44 -6.21 -57.80
CA THR A 42 24.75 -5.46 -58.83
C THR A 42 23.25 -5.49 -58.64
N ILE A 43 22.54 -4.56 -59.25
CA ILE A 43 21.08 -4.50 -59.15
C ILE A 43 20.43 -5.06 -60.41
N ILE A 44 19.26 -5.68 -60.24
CA ILE A 44 18.68 -6.43 -61.37
C ILE A 44 17.21 -6.07 -61.57
N PRO A 45 16.62 -6.28 -62.76
CA PRO A 45 15.18 -6.03 -62.91
C PRO A 45 14.30 -6.75 -61.91
N ILE A 46 13.00 -6.44 -61.93
CA ILE A 46 12.01 -7.07 -61.06
C ILE A 46 11.09 -7.88 -61.95
N THR A 47 11.15 -9.19 -61.82
CA THR A 47 10.35 -10.10 -62.61
C THR A 47 9.18 -10.65 -61.81
N ASP A 48 8.35 -11.44 -62.50
CA ASP A 48 7.27 -12.19 -61.90
C ASP A 48 7.62 -13.67 -61.78
N GLU A 49 8.88 -14.01 -62.08
CA GLU A 49 9.38 -15.37 -61.98
C GLU A 49 10.50 -15.50 -60.96
N MET A 50 10.86 -14.42 -60.28
CA MET A 50 11.59 -14.54 -59.04
C MET A 50 10.66 -14.90 -57.90
N PHE A 51 9.35 -14.70 -58.09
CA PHE A 51 8.31 -15.22 -57.22
C PHE A 51 7.99 -16.68 -57.51
N SER A 52 8.66 -17.28 -58.48
CA SER A 52 8.45 -18.67 -58.86
C SER A 52 9.73 -19.49 -58.84
N THR A 53 10.86 -18.90 -59.21
CA THR A 53 12.13 -19.60 -59.28
C THR A 53 13.24 -18.66 -58.84
N ASP A 54 14.23 -19.21 -58.14
CA ASP A 54 15.31 -18.40 -57.59
C ASP A 54 16.45 -18.30 -58.59
N VAL A 55 17.07 -17.14 -58.63
CA VAL A 55 18.24 -16.90 -59.47
C VAL A 55 19.46 -17.15 -58.61
N LYS A 56 20.51 -17.71 -59.20
CA LYS A 56 21.63 -18.22 -58.42
C LYS A 56 22.50 -17.06 -57.95
N ASP A 57 23.04 -17.19 -56.74
CA ASP A 57 23.76 -16.13 -56.03
C ASP A 57 23.05 -14.78 -56.19
N ALA A 58 21.73 -14.81 -56.01
CA ALA A 58 20.91 -13.61 -56.02
C ALA A 58 20.18 -13.56 -54.69
N VAL A 59 20.40 -12.48 -53.94
CA VAL A 59 19.72 -12.28 -52.68
C VAL A 59 18.92 -11.00 -52.77
N ALA A 60 17.82 -10.95 -52.03
CA ALA A 60 17.06 -9.72 -51.90
C ALA A 60 17.49 -9.01 -50.63
N GLU A 61 17.68 -7.69 -50.74
CA GLU A 61 18.11 -6.87 -49.61
C GLU A 61 17.02 -5.86 -49.34
N ILE A 62 16.49 -5.86 -48.12
CA ILE A 62 15.44 -4.94 -47.72
C ILE A 62 16.06 -3.88 -46.82
N PHE A 63 15.80 -2.62 -47.14
CA PHE A 63 16.33 -1.47 -46.41
C PHE A 63 15.19 -0.49 -46.17
N THR A 64 15.40 0.39 -45.20
CA THR A 64 14.38 1.35 -44.79
C THR A 64 14.89 2.77 -45.00
N LYS A 65 13.97 3.66 -45.37
CA LYS A 65 14.29 5.07 -45.54
C LYS A 65 13.32 5.88 -44.70
N PHE A 66 13.87 6.63 -43.74
CA PHE A 66 13.10 7.45 -42.82
C PHE A 66 13.63 8.88 -42.85
N PHE A 67 12.72 9.78 -42.92
CA PHE A 67 13.13 11.12 -42.95
C PHE A 67 12.02 11.98 -42.45
N VAL A 68 12.42 13.15 -42.01
CA VAL A 68 11.52 14.19 -41.53
C VAL A 68 10.98 14.99 -42.72
N GLU A 69 10.27 16.07 -42.45
CA GLU A 69 9.69 16.82 -43.53
C GLU A 69 10.89 17.46 -44.19
N GLU A 70 11.60 16.58 -44.95
CA GLU A 70 12.77 17.01 -45.69
C GLU A 70 13.86 17.60 -44.78
N GLY A 71 14.32 16.75 -43.86
CA GLY A 71 15.50 17.01 -43.08
C GLY A 71 16.52 16.00 -43.52
N ALA A 72 17.30 15.42 -42.61
CA ALA A 72 18.20 14.37 -43.06
C ALA A 72 17.39 13.13 -43.39
N VAL A 73 17.91 12.31 -44.30
CA VAL A 73 17.23 11.11 -44.77
C VAL A 73 18.14 9.92 -44.52
N ARG A 74 17.68 8.99 -43.70
CA ARG A 74 18.44 7.79 -43.41
C ARG A 74 18.14 6.69 -44.42
N ILE A 75 19.13 5.85 -44.66
CA ILE A 75 18.93 4.52 -45.22
C ILE A 75 19.42 3.52 -44.19
N SER A 76 18.64 2.48 -43.95
CA SER A 76 18.99 1.46 -42.98
C SER A 76 19.97 0.47 -43.57
N LYS A 77 20.81 -0.10 -42.71
CA LYS A 77 21.65 -1.20 -43.12
C LYS A 77 20.78 -2.34 -43.63
N MET A 78 21.12 -2.84 -44.83
CA MET A 78 20.28 -3.82 -45.50
C MET A 78 20.14 -5.10 -44.68
N THR A 79 18.97 -5.71 -44.78
CA THR A 79 18.67 -6.99 -44.16
C THR A 79 18.58 -8.02 -45.28
N ARG A 80 19.53 -8.94 -45.30
CA ARG A 80 19.72 -9.83 -46.44
C ARG A 80 18.79 -11.05 -46.34
N VAL A 81 17.95 -11.24 -47.35
CA VAL A 81 17.16 -12.45 -47.47
C VAL A 81 18.02 -13.46 -48.23
N THR A 82 18.65 -14.36 -47.47
CA THR A 82 19.48 -15.39 -48.10
C THR A 82 18.64 -16.52 -48.69
N GLU A 83 17.59 -16.93 -47.99
CA GLU A 83 16.81 -18.09 -48.39
C GLU A 83 15.33 -17.76 -48.30
N GLY A 84 14.51 -18.74 -48.64
CA GLY A 84 13.11 -18.76 -48.27
C GLY A 84 12.90 -19.61 -47.03
N LYS A 85 11.62 -19.83 -46.72
CA LYS A 85 11.28 -20.60 -45.53
C LYS A 85 10.11 -21.53 -45.83
N ASN A 86 10.09 -22.67 -45.14
CA ASN A 86 9.12 -23.75 -45.39
C ASN A 86 9.26 -24.27 -46.83
N LEU A 87 10.51 -24.55 -47.24
CA LEU A 87 10.79 -24.82 -48.64
C LEU A 87 10.39 -26.22 -49.07
N GLY A 88 10.37 -27.18 -48.15
CA GLY A 88 9.90 -28.51 -48.49
C GLY A 88 8.39 -28.62 -48.60
N LYS A 89 7.66 -27.71 -47.96
CA LYS A 89 6.23 -27.79 -47.84
C LYS A 89 5.55 -27.08 -49.02
N LYS A 90 4.22 -27.17 -49.06
CA LYS A 90 3.44 -26.49 -50.09
C LYS A 90 3.40 -24.98 -49.88
N ASN A 91 4.05 -24.47 -48.85
CA ASN A 91 4.13 -23.03 -48.60
C ASN A 91 5.52 -22.49 -48.91
N ALA A 92 6.27 -23.19 -49.76
CA ALA A 92 7.63 -22.77 -50.10
C ALA A 92 7.63 -21.38 -50.71
N THR A 93 8.22 -20.43 -50.01
CA THR A 93 8.41 -19.09 -50.52
C THR A 93 9.82 -18.97 -51.08
N THR A 94 9.92 -18.63 -52.36
CA THR A 94 11.22 -18.28 -52.91
C THR A 94 11.73 -17.01 -52.22
N VAL A 95 13.01 -16.69 -52.48
CA VAL A 95 13.68 -15.70 -51.66
C VAL A 95 13.21 -14.29 -51.96
N VAL A 96 12.45 -14.10 -53.04
CA VAL A 96 11.90 -12.80 -53.39
C VAL A 96 10.43 -12.69 -53.02
N HIS A 97 9.67 -13.78 -53.22
CA HIS A 97 8.29 -13.78 -52.72
C HIS A 97 8.28 -13.69 -51.21
N GLN A 98 9.34 -14.19 -50.57
CA GLN A 98 9.46 -14.11 -49.11
C GLN A 98 9.92 -12.72 -48.67
N ALA A 99 10.93 -12.16 -49.35
CA ALA A 99 11.33 -10.80 -49.05
C ALA A 99 10.19 -9.81 -49.24
N PHE A 100 9.33 -10.06 -50.23
CA PHE A 100 8.21 -9.17 -50.47
C PHE A 100 7.05 -9.38 -49.50
N LYS A 101 6.98 -10.52 -48.83
CA LYS A 101 6.03 -10.66 -47.73
C LYS A 101 6.65 -10.30 -46.39
N ASP A 102 7.98 -10.36 -46.27
CA ASP A 102 8.64 -9.83 -45.08
C ASP A 102 8.49 -8.31 -45.00
N ALA A 103 8.66 -7.64 -46.15
CA ALA A 103 8.53 -6.18 -46.16
C ALA A 103 7.08 -5.76 -46.04
N LEU A 104 6.17 -6.47 -46.68
CA LEU A 104 4.75 -6.14 -46.59
C LEU A 104 4.23 -6.31 -45.17
N SER A 105 4.75 -7.27 -44.42
CA SER A 105 4.39 -7.41 -43.01
C SER A 105 4.75 -6.15 -42.24
N LYS A 106 5.98 -5.65 -42.42
CA LYS A 106 6.40 -4.45 -41.74
C LYS A 106 5.54 -3.25 -42.12
N TYR A 107 4.92 -3.28 -43.30
CA TYR A 107 4.01 -2.20 -43.68
C TYR A 107 2.77 -2.18 -42.79
N ASN A 108 2.09 -3.32 -42.67
CA ASN A 108 0.88 -3.38 -41.85
C ASN A 108 1.19 -3.13 -40.38
N ARG A 109 2.34 -3.61 -39.92
CA ARG A 109 2.72 -3.43 -38.51
C ARG A 109 3.02 -1.97 -38.20
N HIS A 110 3.79 -1.31 -39.07
CA HIS A 110 4.32 0.02 -38.79
C HIS A 110 3.23 1.09 -38.74
N ALA A 111 1.99 0.77 -39.14
CA ALA A 111 0.95 1.79 -39.17
C ALA A 111 0.51 2.15 -37.76
N ARG A 112 0.49 1.18 -36.85
CA ARG A 112 -0.07 1.41 -35.53
C ARG A 112 0.87 2.27 -34.70
N GLN A 113 0.35 2.73 -33.55
CA GLN A 113 1.09 3.62 -32.65
C GLN A 113 1.56 4.88 -33.37
N LYS A 114 0.80 5.31 -34.37
CA LYS A 114 1.06 6.55 -35.09
C LYS A 114 -0.18 7.44 -35.01
N ARG A 115 -0.15 8.54 -35.74
CA ARG A 115 -1.26 9.51 -35.74
C ARG A 115 -2.19 9.17 -36.89
N GLY A 116 -3.17 8.32 -36.62
CA GLY A 116 -4.14 7.93 -37.63
C GLY A 116 -5.30 8.89 -37.79
N ASN A 120 -6.98 3.48 -37.44
CA ASN A 120 -6.76 2.80 -36.17
C ASN A 120 -8.01 2.83 -35.30
N ARG A 121 -9.17 2.81 -35.93
CA ARG A 121 -10.48 2.74 -35.29
C ARG A 121 -10.71 3.84 -34.26
N GLY A 122 -9.81 4.82 -34.17
CA GLY A 122 -9.92 5.85 -33.17
C GLY A 122 -9.28 5.51 -31.85
N MET A 123 -8.32 4.60 -31.82
CA MET A 123 -7.66 4.23 -30.58
C MET A 123 -6.50 5.18 -30.32
N ILE A 124 -6.17 5.32 -29.03
CA ILE A 124 -5.08 6.18 -28.58
C ILE A 124 -4.15 5.35 -27.78
N PRO A 125 -2.84 5.32 -28.11
CA PRO A 125 -1.89 4.49 -27.39
C PRO A 125 -1.73 4.98 -25.97
N PRO A 126 -1.66 4.07 -24.99
CA PRO A 126 -1.59 4.51 -23.60
C PRO A 126 -0.26 5.17 -23.28
N MET A 127 -0.26 5.92 -22.20
CA MET A 127 0.92 6.68 -21.79
C MET A 127 1.92 5.78 -21.07
N LEU A 128 3.18 5.93 -21.43
CA LEU A 128 4.25 5.12 -20.88
C LEU A 128 5.13 5.96 -19.96
N VAL A 129 5.71 5.30 -18.96
CA VAL A 129 6.50 5.99 -17.94
C VAL A 129 7.93 6.13 -18.43
N LYS A 130 8.61 7.17 -17.97
CA LYS A 130 9.97 7.49 -18.40
C LYS A 130 11.02 7.13 -17.36
N TYR A 131 10.79 7.48 -16.10
CA TYR A 131 11.81 7.37 -15.08
C TYR A 131 11.72 6.03 -14.35
N PHE A 132 12.87 5.39 -14.19
CA PHE A 132 12.99 4.10 -13.52
C PHE A 132 13.80 4.30 -12.24
N ASN A 133 13.14 4.10 -11.10
CA ASN A 133 13.74 4.32 -9.78
C ASN A 133 14.32 5.72 -9.66
N ILE A 134 13.65 6.69 -10.27
CA ILE A 134 14.01 8.10 -10.19
C ILE A 134 12.73 8.90 -10.05
N ILE A 135 12.70 9.80 -9.07
CA ILE A 135 11.60 10.73 -8.90
C ILE A 135 12.14 12.15 -9.06
N PRO A 136 11.98 12.75 -10.25
CA PRO A 136 12.45 14.13 -10.44
C PRO A 136 11.80 15.06 -9.42
N LYS A 137 12.65 15.75 -8.67
CA LYS A 137 12.20 16.50 -7.50
C LYS A 137 11.19 17.59 -7.83
N THR A 138 10.97 17.89 -9.10
CA THR A 138 9.94 18.85 -9.48
C THR A 138 8.54 18.32 -9.19
N PHE A 139 8.39 17.02 -8.93
CA PHE A 139 7.07 16.47 -8.64
C PHE A 139 6.48 17.08 -7.38
N PHE A 140 7.32 17.35 -6.38
CA PHE A 140 6.87 17.93 -5.13
C PHE A 140 6.86 19.45 -5.13
N GLU A 141 7.43 20.09 -6.14
CA GLU A 141 7.48 21.55 -6.20
C GLU A 141 6.31 22.13 -6.96
N GLU A 142 5.10 21.64 -6.71
CA GLU A 142 3.90 22.09 -7.38
C GLU A 142 2.80 22.32 -6.35
N GLU A 143 1.69 22.91 -6.80
CA GLU A 143 0.62 23.29 -5.89
C GLU A 143 -0.03 22.09 -5.21
N THR A 144 0.09 20.89 -5.79
CA THR A 144 -0.54 19.71 -5.25
C THR A 144 0.46 18.56 -5.26
N ASP A 145 0.30 17.65 -4.30
CA ASP A 145 1.24 16.56 -4.13
C ASP A 145 1.04 15.48 -5.20
N PRO A 146 2.11 14.80 -5.59
CA PRO A 146 1.98 13.67 -6.53
C PRO A 146 1.25 12.50 -5.89
N ILE A 147 0.93 11.51 -6.72
CA ILE A 147 0.18 10.35 -6.30
C ILE A 147 1.01 9.09 -6.54
N VAL A 148 0.99 8.19 -5.56
CA VAL A 148 1.64 6.90 -5.65
C VAL A 148 0.56 5.82 -5.65
N GLN A 149 0.66 4.88 -6.59
CA GLN A 149 -0.24 3.74 -6.67
C GLN A 149 0.61 2.51 -6.98
N ARG A 150 0.04 1.32 -6.74
CA ARG A 150 0.81 0.13 -7.02
C ARG A 150 0.92 -0.14 -8.51
N LYS A 151 1.95 -0.89 -8.86
CA LYS A 151 2.18 -1.37 -10.21
C LYS A 151 2.02 -2.89 -10.21
N ARG A 152 1.18 -3.38 -11.11
CA ARG A 152 0.88 -4.81 -11.21
C ARG A 152 1.56 -5.39 -12.43
N ASN A 153 2.22 -6.53 -12.24
CA ASN A 153 2.93 -7.21 -13.31
C ASN A 153 1.92 -7.93 -14.19
N GLY A 154 1.33 -7.16 -15.10
CA GLY A 154 0.36 -7.71 -16.03
C GLY A 154 0.45 -7.06 -17.39
N VAL A 155 -0.54 -7.29 -18.23
CA VAL A 155 -0.60 -6.69 -19.56
C VAL A 155 -1.49 -5.47 -19.48
N ARG A 156 -1.07 -4.39 -20.13
CA ARG A 156 -1.78 -3.13 -20.09
C ARG A 156 -2.86 -3.10 -21.16
N ALA A 157 -4.01 -2.51 -20.81
CA ALA A 157 -5.12 -2.42 -21.75
C ALA A 157 -5.86 -1.11 -21.53
N VAL A 158 -6.48 -0.62 -22.59
CA VAL A 158 -7.29 0.60 -22.57
C VAL A 158 -8.68 0.23 -23.07
N ALA A 159 -9.71 0.69 -22.36
CA ALA A 159 -11.09 0.39 -22.70
C ALA A 159 -11.81 1.66 -23.12
N CYS A 160 -12.53 1.58 -24.23
CA CYS A 160 -13.37 2.67 -24.69
C CYS A 160 -14.57 2.09 -25.41
N GLN A 161 -15.65 2.88 -25.47
CA GLN A 161 -16.87 2.49 -26.14
C GLN A 161 -16.92 3.17 -27.50
N GLN A 162 -17.03 2.38 -28.57
CA GLN A 162 -17.13 2.92 -29.90
C GLN A 162 -18.55 3.39 -30.17
N GLY A 163 -18.76 3.95 -31.37
CA GLY A 163 -20.07 4.50 -31.70
C GLY A 163 -21.18 3.45 -31.62
N ASP A 164 -20.91 2.25 -32.10
CA ASP A 164 -21.91 1.18 -32.12
C ASP A 164 -22.25 0.64 -30.74
N GLY A 165 -21.62 1.14 -29.68
CA GLY A 165 -21.90 0.67 -28.33
C GLY A 165 -21.15 -0.57 -27.89
N CYS A 166 -20.36 -1.18 -28.75
CA CYS A 166 -19.53 -2.29 -28.30
C CYS A 166 -18.29 -1.76 -27.58
N ILE A 167 -17.69 -2.63 -26.77
CA ILE A 167 -16.54 -2.27 -25.96
C ILE A 167 -15.26 -2.67 -26.69
N LEU A 168 -14.34 -1.73 -26.84
CA LEU A 168 -13.08 -1.94 -27.54
C LEU A 168 -11.95 -1.91 -26.51
N LEU A 169 -11.37 -3.07 -26.24
CA LEU A 169 -10.26 -3.22 -25.32
C LEU A 169 -9.00 -3.51 -26.13
N TYR A 170 -8.07 -2.57 -26.14
CA TYR A 170 -6.88 -2.69 -26.97
C TYR A 170 -5.62 -2.58 -26.12
N SER A 171 -4.49 -2.91 -26.74
CA SER A 171 -3.22 -3.03 -26.07
C SER A 171 -2.37 -1.79 -26.28
N ARG A 172 -1.13 -1.84 -25.80
CA ARG A 172 -0.25 -0.69 -25.86
C ARG A 172 0.22 -0.40 -27.28
N THR A 173 0.27 -1.41 -28.14
CA THR A 173 0.58 -1.22 -29.55
C THR A 173 -0.66 -1.03 -30.41
N GLU A 174 -1.82 -0.80 -29.79
CA GLU A 174 -3.09 -0.65 -30.49
C GLU A 174 -3.48 -1.94 -31.21
N LYS A 175 -3.55 -3.01 -30.43
CA LYS A 175 -4.07 -4.29 -30.89
C LYS A 175 -5.22 -4.67 -29.98
N GLU A 176 -6.38 -4.97 -30.58
CA GLU A 176 -7.57 -5.25 -29.79
C GLU A 176 -7.45 -6.61 -29.11
N PHE A 177 -7.74 -6.64 -27.81
CA PHE A 177 -7.82 -7.91 -27.10
C PHE A 177 -9.13 -8.60 -27.43
N LEU A 178 -9.07 -9.93 -27.52
CA LEU A 178 -10.23 -10.73 -27.86
C LEU A 178 -10.65 -11.60 -26.68
N GLY A 179 -11.95 -11.75 -26.51
CA GLY A 179 -12.50 -12.78 -25.66
C GLY A 179 -12.32 -12.58 -24.17
N LEU A 180 -11.98 -11.38 -23.71
CA LEU A 180 -12.05 -11.10 -22.28
C LEU A 180 -13.48 -10.64 -21.96
N ASP A 181 -14.40 -11.54 -22.25
CA ASP A 181 -15.82 -11.20 -22.30
C ASP A 181 -16.36 -10.85 -20.91
N ASN A 182 -15.87 -11.53 -19.87
CA ASN A 182 -16.31 -11.20 -18.52
C ASN A 182 -15.96 -9.75 -18.18
N ILE A 183 -14.76 -9.32 -18.53
CA ILE A 183 -14.37 -7.93 -18.27
C ILE A 183 -15.18 -6.99 -19.16
N LYS A 184 -15.29 -7.32 -20.45
CA LYS A 184 -16.06 -6.48 -21.37
C LYS A 184 -17.52 -6.40 -20.94
N LYS A 185 -18.05 -7.45 -20.32
CA LYS A 185 -19.44 -7.44 -19.88
C LYS A 185 -19.67 -6.35 -18.83
N GLU A 186 -18.88 -6.37 -17.75
CA GLU A 186 -19.03 -5.34 -16.73
C GLU A 186 -18.51 -3.98 -17.20
N LEU A 187 -17.78 -3.92 -18.31
CA LEU A 187 -17.43 -2.63 -18.88
C LEU A 187 -18.62 -1.98 -19.56
N LYS A 188 -19.43 -2.78 -20.27
CA LYS A 188 -20.63 -2.24 -20.91
C LYS A 188 -21.64 -1.76 -19.89
N GLN A 189 -21.87 -2.55 -18.84
CA GLN A 189 -22.76 -2.13 -17.77
C GLN A 189 -22.29 -0.83 -17.15
N LEU A 190 -20.97 -0.68 -16.97
CA LEU A 190 -20.44 0.53 -16.37
C LEU A 190 -20.65 1.75 -17.27
N TYR A 191 -20.53 1.56 -18.58
CA TYR A 191 -20.66 2.67 -19.52
C TYR A 191 -22.08 3.18 -19.67
N LEU A 192 -23.07 2.49 -19.10
CA LEU A 192 -24.44 3.01 -19.07
C LEU A 192 -24.62 4.12 -18.04
N PHE A 193 -23.60 4.44 -17.26
CA PHE A 193 -23.72 5.43 -16.20
C PHE A 193 -22.66 6.52 -16.27
N ILE A 194 -21.77 6.50 -17.24
CA ILE A 194 -20.66 7.44 -17.32
C ILE A 194 -20.64 8.06 -18.71
N ASP A 195 -19.86 9.14 -18.83
CA ASP A 195 -19.63 9.79 -20.12
C ASP A 195 -19.05 8.77 -21.09
N VAL A 196 -19.84 8.37 -22.09
CA VAL A 196 -19.43 7.31 -23.00
C VAL A 196 -18.21 7.66 -23.83
N ARG A 197 -17.80 8.93 -23.84
CA ARG A 197 -16.61 9.33 -24.58
C ARG A 197 -15.33 9.12 -23.81
N VAL A 198 -15.38 8.50 -22.63
CA VAL A 198 -14.22 8.37 -21.78
C VAL A 198 -13.43 7.13 -22.18
N TYR A 199 -12.11 7.21 -22.02
CA TYR A 199 -11.22 6.06 -22.08
C TYR A 199 -10.83 5.67 -20.67
N LEU A 200 -10.69 4.36 -20.44
CA LEU A 200 -10.25 3.88 -19.14
C LEU A 200 -8.94 3.11 -19.31
N ASP A 201 -7.95 3.46 -18.51
CA ASP A 201 -6.57 3.00 -18.68
C ASP A 201 -6.20 2.16 -17.47
N GLY A 202 -5.78 0.93 -17.70
CA GLY A 202 -5.47 0.04 -16.61
C GLY A 202 -4.63 -1.14 -17.03
N GLU A 203 -4.56 -2.13 -16.15
CA GLU A 203 -3.74 -3.32 -16.35
C GLU A 203 -4.61 -4.55 -16.25
N LEU A 204 -4.55 -5.41 -17.25
CA LEU A 204 -5.14 -6.75 -17.13
C LEU A 204 -4.26 -7.57 -16.19
N TYR A 205 -4.89 -8.21 -15.21
CA TYR A 205 -4.10 -8.78 -14.13
C TYR A 205 -4.97 -9.70 -13.28
N LEU A 206 -4.32 -10.69 -12.68
CA LEU A 206 -4.94 -11.55 -11.68
C LEU A 206 -3.87 -11.87 -10.65
N HIS A 207 -4.13 -11.50 -9.40
CA HIS A 207 -3.08 -11.55 -8.38
C HIS A 207 -2.61 -12.98 -8.14
N ARG A 208 -1.36 -13.09 -7.69
CA ARG A 208 -0.68 -14.35 -7.44
C ARG A 208 -0.53 -15.21 -8.70
N LYS A 209 -0.60 -14.58 -9.87
CA LYS A 209 -0.36 -15.27 -11.13
C LYS A 209 0.84 -14.65 -11.84
N PRO A 210 1.68 -15.46 -12.48
CA PRO A 210 2.85 -14.92 -13.17
C PRO A 210 2.44 -14.06 -14.35
N LEU A 211 3.37 -13.22 -14.79
CA LEU A 211 3.14 -12.41 -15.97
C LEU A 211 2.94 -13.28 -17.21
N GLN A 212 3.65 -14.40 -17.28
CA GLN A 212 3.53 -15.28 -18.44
C GLN A 212 2.12 -15.83 -18.59
N TRP A 213 1.46 -16.12 -17.45
CA TRP A 213 0.11 -16.65 -17.51
C TRP A 213 -0.88 -15.55 -17.87
N ILE A 214 -0.70 -14.35 -17.32
CA ILE A 214 -1.57 -13.24 -17.65
C ILE A 214 -1.41 -12.85 -19.11
N ALA A 215 -0.18 -12.91 -19.61
CA ALA A 215 0.06 -12.57 -21.01
C ALA A 215 -0.61 -13.56 -21.95
N GLY A 216 -0.61 -14.85 -21.58
CA GLY A 216 -1.26 -15.84 -22.42
C GLY A 216 -2.75 -15.66 -22.49
N GLN A 217 -3.39 -15.43 -21.34
CA GLN A 217 -4.84 -15.23 -21.32
C GLN A 217 -5.27 -14.05 -22.18
N ALA A 218 -4.43 -13.01 -22.28
CA ALA A 218 -4.83 -11.81 -23.01
C ALA A 218 -4.72 -11.99 -24.52
N ASN A 219 -3.61 -12.57 -24.99
CA ASN A 219 -3.38 -12.67 -26.43
C ASN A 219 -4.05 -13.87 -27.07
N ALA A 220 -4.80 -14.67 -26.32
CA ALA A 220 -5.44 -15.86 -26.85
C ALA A 220 -6.88 -15.52 -27.26
N LYS A 221 -7.31 -16.08 -28.39
CA LYS A 221 -8.68 -15.88 -28.85
C LYS A 221 -9.69 -16.41 -27.83
N THR A 222 -9.56 -17.67 -27.46
CA THR A 222 -10.33 -18.20 -26.34
C THR A 222 -9.71 -17.74 -25.03
N ASP A 223 -10.49 -17.86 -23.95
CA ASP A 223 -10.06 -17.29 -22.69
C ASP A 223 -10.80 -17.98 -21.55
N SER A 224 -10.16 -18.01 -20.38
CA SER A 224 -10.75 -18.60 -19.20
C SER A 224 -11.64 -17.63 -18.43
N SER A 225 -11.61 -16.34 -18.77
CA SER A 225 -12.47 -15.32 -18.17
C SER A 225 -12.29 -15.24 -16.65
N GLU A 226 -11.03 -15.26 -16.21
CA GLU A 226 -10.70 -15.07 -14.81
C GLU A 226 -9.92 -13.80 -14.53
N LEU A 227 -9.43 -13.11 -15.55
CA LEU A 227 -8.64 -11.90 -15.34
C LEU A 227 -9.52 -10.76 -14.84
N HIS A 228 -8.89 -9.83 -14.15
CA HIS A 228 -9.51 -8.59 -13.71
C HIS A 228 -8.88 -7.42 -14.43
N PHE A 229 -9.55 -6.28 -14.38
CA PHE A 229 -9.09 -5.06 -15.03
C PHE A 229 -8.97 -3.98 -13.96
N TYR A 230 -7.74 -3.60 -13.64
CA TYR A 230 -7.46 -2.61 -12.60
C TYR A 230 -7.18 -1.27 -13.26
N VAL A 231 -8.13 -0.35 -13.16
CA VAL A 231 -8.04 0.93 -13.84
C VAL A 231 -7.28 1.92 -12.96
N PHE A 232 -6.22 2.51 -13.51
CA PHE A 232 -5.46 3.52 -12.78
C PHE A 232 -5.53 4.91 -13.39
N ASP A 233 -6.21 5.08 -14.52
CA ASP A 233 -6.20 6.38 -15.18
C ASP A 233 -7.33 6.41 -16.20
N CYS A 234 -7.72 7.63 -16.57
CA CYS A 234 -8.75 7.84 -17.58
C CYS A 234 -8.48 9.13 -18.31
N PHE A 235 -9.01 9.23 -19.53
CA PHE A 235 -8.81 10.43 -20.33
C PHE A 235 -9.87 10.49 -21.43
N TRP A 236 -10.09 11.70 -21.93
CA TRP A 236 -10.89 11.94 -23.12
C TRP A 236 -9.98 12.38 -24.26
N SER A 237 -10.31 11.94 -25.47
CA SER A 237 -9.52 12.34 -26.63
C SER A 237 -9.51 13.86 -26.81
N ASP A 238 -10.53 14.55 -26.28
CA ASP A 238 -10.64 15.99 -26.37
C ASP A 238 -9.64 16.65 -25.44
N GLN A 239 -9.86 16.52 -24.14
CA GLN A 239 -9.07 17.21 -23.13
C GLN A 239 -7.92 16.32 -22.70
N LEU A 240 -6.82 16.37 -23.45
CA LEU A 240 -5.61 15.66 -23.06
C LEU A 240 -4.75 16.46 -22.08
N GLN A 241 -4.99 17.73 -21.94
CA GLN A 241 -4.15 18.50 -21.09
C GLN A 241 -4.65 18.51 -19.72
N MET A 242 -5.72 17.80 -19.51
CA MET A 242 -6.28 17.70 -18.18
C MET A 242 -5.24 17.11 -17.24
N PRO A 243 -4.84 17.83 -16.19
CA PRO A 243 -3.76 17.34 -15.33
C PRO A 243 -4.11 16.02 -14.64
N SER A 244 -3.07 15.25 -14.35
CA SER A 244 -3.24 13.93 -13.73
C SER A 244 -4.11 14.01 -12.48
N ASN A 245 -3.90 15.03 -11.66
CA ASN A 245 -4.65 15.14 -10.41
C ASN A 245 -6.14 15.23 -10.67
N LYS A 246 -6.53 15.98 -11.72
CA LYS A 246 -7.95 16.08 -12.04
C LYS A 246 -8.50 14.76 -12.57
N ARG A 247 -7.78 14.12 -13.49
CA ARG A 247 -8.28 12.88 -14.09
C ARG A 247 -8.54 11.82 -13.04
N GLN A 248 -7.71 11.77 -12.00
CA GLN A 248 -7.90 10.79 -10.94
C GLN A 248 -9.16 11.09 -10.13
N GLN A 249 -9.58 12.35 -10.07
CA GLN A 249 -10.75 12.66 -9.28
C GLN A 249 -12.04 12.29 -10.00
N LEU A 250 -12.10 12.51 -11.31
CA LEU A 250 -13.26 12.03 -12.07
C LEU A 250 -13.30 10.51 -12.09
N LEU A 251 -12.14 9.86 -12.22
CA LEU A 251 -12.10 8.41 -12.21
C LEU A 251 -12.61 7.86 -10.88
N THR A 252 -12.33 8.56 -9.78
CA THR A 252 -12.80 8.11 -8.47
C THR A 252 -14.32 8.10 -8.40
N ASN A 253 -14.97 9.13 -8.93
CA ASN A 253 -16.42 9.17 -8.92
C ASN A 253 -17.05 8.30 -10.01
N ILE A 254 -16.31 8.00 -11.07
CA ILE A 254 -16.77 6.99 -12.03
C ILE A 254 -17.01 5.67 -11.32
N PHE A 255 -16.14 5.32 -10.37
CA PHE A 255 -16.28 4.06 -9.66
C PHE A 255 -17.25 4.14 -8.50
N LYS A 256 -17.69 5.34 -8.12
CA LYS A 256 -18.77 5.45 -7.15
C LYS A 256 -20.13 5.45 -7.81
N GLN A 257 -20.18 5.49 -9.16
CA GLN A 257 -21.42 5.30 -9.88
C GLN A 257 -21.83 3.82 -9.92
N LYS A 258 -20.98 2.94 -9.42
CA LYS A 258 -21.20 1.51 -9.36
C LYS A 258 -20.07 0.88 -8.56
N GLU A 259 -20.30 0.63 -7.26
CA GLU A 259 -19.28 0.08 -6.38
C GLU A 259 -19.49 -1.41 -6.11
N ASP A 260 -20.05 -2.14 -7.09
CA ASP A 260 -20.36 -3.57 -6.92
C ASP A 260 -20.00 -4.29 -8.22
N LEU A 261 -18.71 -4.49 -8.44
CA LEU A 261 -18.21 -5.21 -9.60
C LEU A 261 -17.24 -6.29 -9.15
N THR A 262 -17.10 -7.32 -10.00
CA THR A 262 -16.23 -8.44 -9.72
C THR A 262 -14.88 -8.34 -10.43
N PHE A 263 -14.85 -7.82 -11.65
CA PHE A 263 -13.64 -7.85 -12.47
C PHE A 263 -13.03 -6.48 -12.72
N ILE A 264 -13.71 -5.40 -12.35
CA ILE A 264 -13.22 -4.05 -12.61
C ILE A 264 -13.09 -3.32 -11.28
N HIS A 265 -11.88 -2.85 -10.99
CA HIS A 265 -11.59 -2.15 -9.74
C HIS A 265 -10.67 -0.98 -10.03
N GLN A 266 -10.85 0.10 -9.29
CA GLN A 266 -9.99 1.27 -9.42
C GLN A 266 -8.71 1.08 -8.60
N VAL A 267 -7.57 1.35 -9.23
CA VAL A 267 -6.31 1.27 -8.52
C VAL A 267 -6.30 2.32 -7.42
N GLU A 268 -5.92 1.90 -6.22
CA GLU A 268 -5.97 2.79 -5.07
C GLU A 268 -4.85 3.82 -5.15
N ASN A 269 -5.15 5.05 -4.74
CA ASN A 269 -4.24 6.17 -4.85
C ASN A 269 -3.74 6.62 -3.48
N PHE A 270 -2.47 6.97 -3.41
CA PHE A 270 -1.84 7.47 -2.20
C PHE A 270 -1.15 8.79 -2.50
N SER A 271 -1.42 9.80 -1.68
CA SER A 271 -0.75 11.08 -1.80
C SER A 271 0.53 11.06 -1.00
N VAL A 272 1.57 11.70 -1.53
CA VAL A 272 2.89 11.68 -0.91
C VAL A 272 3.51 13.06 -0.98
N LYS A 273 4.38 13.37 -0.02
CA LYS A 273 5.02 14.67 0.06
C LYS A 273 6.54 14.60 0.00
N ASN A 274 7.12 13.40 0.03
CA ASN A 274 8.57 13.26 -0.06
C ASN A 274 8.89 11.91 -0.68
N VAL A 275 10.16 11.73 -1.04
CA VAL A 275 10.59 10.49 -1.68
C VAL A 275 10.43 9.31 -0.71
N ASP A 276 10.69 9.55 0.57
CA ASP A 276 10.70 8.46 1.53
C ASP A 276 9.32 7.88 1.77
N GLU A 277 8.27 8.69 1.57
CA GLU A 277 6.91 8.15 1.61
C GLU A 277 6.68 7.16 0.48
N ALA A 278 7.12 7.53 -0.74
CA ALA A 278 6.93 6.66 -1.89
C ALA A 278 7.67 5.33 -1.71
N LEU A 279 8.92 5.38 -1.24
CA LEU A 279 9.68 4.15 -1.06
C LEU A 279 9.12 3.30 0.07
N ARG A 280 8.56 3.93 1.10
CA ARG A 280 7.91 3.16 2.16
C ARG A 280 6.66 2.47 1.62
N LEU A 281 5.93 3.12 0.72
CA LEU A 281 4.81 2.47 0.06
C LEU A 281 5.29 1.44 -0.95
N LYS A 282 6.38 1.74 -1.66
CA LYS A 282 6.96 0.78 -2.59
C LYS A 282 7.34 -0.50 -1.89
N ALA A 283 8.01 -0.38 -0.73
CA ALA A 283 8.35 -1.57 0.04
C ALA A 283 7.11 -2.33 0.46
N GLN A 284 6.06 -1.61 0.85
CA GLN A 284 4.81 -2.27 1.23
C GLN A 284 4.22 -3.05 0.06
N PHE A 285 4.20 -2.45 -1.13
CA PHE A 285 3.56 -3.08 -2.28
C PHE A 285 4.23 -4.39 -2.67
N ILE A 286 5.57 -4.47 -2.55
CA ILE A 286 6.24 -5.69 -2.99
C ILE A 286 6.08 -6.80 -1.97
N LYS A 287 5.86 -6.45 -0.71
CA LYS A 287 5.57 -7.47 0.29
C LYS A 287 4.13 -7.95 0.24
N GLU A 288 3.22 -7.14 -0.30
CA GLU A 288 1.87 -7.62 -0.58
C GLU A 288 1.83 -8.46 -1.84
N GLY A 289 2.94 -8.56 -2.57
CA GLY A 289 3.05 -9.41 -3.74
C GLY A 289 3.09 -8.68 -5.06
N TYR A 290 3.09 -7.36 -5.06
CA TYR A 290 3.01 -6.58 -6.29
C TYR A 290 4.40 -6.23 -6.81
N GLU A 291 4.43 -5.67 -8.02
CA GLU A 291 5.69 -5.46 -8.72
C GLU A 291 6.43 -4.20 -8.26
N GLY A 292 5.70 -3.19 -7.81
CA GLY A 292 6.35 -1.94 -7.43
C GLY A 292 5.32 -0.84 -7.25
N ALA A 293 5.77 0.39 -7.49
CA ALA A 293 4.93 1.57 -7.29
C ALA A 293 5.09 2.54 -8.45
N ILE A 294 4.02 3.25 -8.74
CA ILE A 294 3.99 4.26 -9.79
C ILE A 294 3.77 5.62 -9.14
N VAL A 295 4.57 6.61 -9.53
CA VAL A 295 4.42 7.98 -9.06
C VAL A 295 4.02 8.84 -10.24
N ARG A 296 3.03 9.71 -10.05
CA ARG A 296 2.52 10.55 -11.11
C ARG A 296 2.49 12.00 -10.67
N ASN A 297 3.08 12.88 -11.49
CA ASN A 297 3.04 14.30 -11.22
C ASN A 297 1.60 14.80 -11.21
N ALA A 298 1.31 15.70 -10.28
CA ALA A 298 -0.07 16.15 -10.09
C ALA A 298 -0.58 16.93 -11.29
N ASN A 299 0.25 17.77 -11.90
CA ASN A 299 -0.16 18.60 -13.03
C ASN A 299 0.36 18.06 -14.36
N GLY A 300 0.48 16.75 -14.49
CA GLY A 300 0.94 16.15 -15.71
C GLY A 300 -0.19 15.82 -16.66
N PRO A 301 -0.03 16.17 -17.94
CA PRO A 301 -1.06 15.83 -18.93
C PRO A 301 -1.04 14.36 -19.27
N TYR A 302 -1.90 13.92 -20.18
CA TYR A 302 -1.85 12.57 -20.70
C TYR A 302 -1.13 12.60 -22.03
N GLU A 303 0.07 12.03 -22.07
CA GLU A 303 0.90 12.03 -23.27
C GLU A 303 0.88 10.62 -23.87
N PRO A 304 0.08 10.38 -24.90
CA PRO A 304 -0.01 9.03 -25.46
C PRO A 304 1.33 8.53 -25.98
N GLY A 305 1.48 7.22 -25.99
CA GLY A 305 2.75 6.61 -26.34
C GLY A 305 2.97 6.47 -27.82
N TYR A 306 2.78 7.56 -28.57
CA TYR A 306 3.10 7.53 -29.99
C TYR A 306 4.59 7.32 -30.21
N ASN A 307 4.92 6.48 -31.19
CA ASN A 307 6.28 5.97 -31.39
C ASN A 307 6.93 5.56 -30.07
N ASN A 308 6.15 4.93 -29.20
CA ASN A 308 6.59 4.51 -27.87
C ASN A 308 7.27 5.66 -27.13
N TYR A 309 6.54 6.76 -27.02
CA TYR A 309 7.04 7.92 -26.29
C TYR A 309 6.71 7.76 -24.80
N HIS A 310 7.69 8.04 -23.95
CA HIS A 310 7.54 7.84 -22.52
C HIS A 310 7.44 9.21 -21.85
N SER A 311 6.37 9.42 -21.08
CA SER A 311 6.09 10.72 -20.47
C SER A 311 6.95 10.91 -19.23
N ALA A 312 7.50 12.12 -19.09
CA ALA A 312 8.36 12.45 -17.96
C ALA A 312 7.59 12.78 -16.70
N HIS A 313 6.26 12.72 -16.74
CA HIS A 313 5.44 12.97 -15.56
C HIS A 313 5.10 11.69 -14.81
N LEU A 314 5.73 10.58 -15.16
CA LEU A 314 5.51 9.31 -14.47
C LEU A 314 6.83 8.66 -14.14
N ALA A 315 6.83 7.89 -13.06
CA ALA A 315 8.01 7.14 -12.64
C ALA A 315 7.56 5.82 -12.03
N LYS A 316 8.33 4.76 -12.26
CA LYS A 316 8.08 3.47 -11.65
C LYS A 316 9.23 3.11 -10.72
N LEU A 317 8.90 2.70 -9.51
CA LEU A 317 9.88 2.28 -8.52
C LEU A 317 9.78 0.77 -8.39
N LYS A 318 10.86 0.08 -8.75
CA LYS A 318 10.83 -1.37 -8.89
C LYS A 318 12.23 -1.93 -8.67
N PRO A 319 12.36 -3.05 -7.95
CA PRO A 319 13.69 -3.63 -7.73
C PRO A 319 14.31 -4.12 -9.02
N LEU A 320 15.57 -3.74 -9.24
CA LEU A 320 16.34 -4.19 -10.39
C LEU A 320 17.23 -5.34 -9.91
N LEU A 321 16.99 -6.53 -10.46
CA LEU A 321 17.60 -7.76 -9.94
C LEU A 321 18.87 -8.08 -10.69
N ASP A 322 19.92 -8.42 -9.95
CA ASP A 322 21.19 -8.82 -10.54
C ASP A 322 21.62 -10.17 -9.97
N ALA A 323 22.31 -10.94 -10.80
CA ALA A 323 22.90 -12.21 -10.42
C ALA A 323 23.99 -12.52 -11.43
N GLU A 324 24.70 -13.62 -11.22
CA GLU A 324 25.78 -14.01 -12.09
C GLU A 324 25.55 -15.41 -12.65
N PHE A 325 25.91 -15.59 -13.91
CA PHE A 325 25.63 -16.80 -14.67
C PHE A 325 26.87 -17.17 -15.46
N ILE A 326 27.10 -18.47 -15.60
CA ILE A 326 28.33 -18.99 -16.20
C ILE A 326 28.30 -18.79 -17.71
N LEU A 327 29.26 -18.05 -18.23
CA LEU A 327 29.41 -17.90 -19.68
C LEU A 327 29.91 -19.21 -20.28
N VAL A 328 29.34 -19.61 -21.42
CA VAL A 328 29.68 -20.90 -21.99
C VAL A 328 30.00 -20.80 -23.48
N ASP A 329 29.38 -19.84 -24.15
CA ASP A 329 29.52 -19.62 -25.58
C ASP A 329 29.16 -18.23 -26.07
N TYR A 330 29.47 -17.91 -27.31
CA TYR A 330 29.17 -16.64 -27.93
C TYR A 330 28.42 -16.81 -29.22
N THR A 331 27.74 -15.78 -29.67
CA THR A 331 26.96 -15.88 -30.88
C THR A 331 26.77 -14.58 -31.62
N GLN A 332 25.84 -14.54 -32.55
CA GLN A 332 25.63 -13.39 -33.36
C GLN A 332 24.20 -13.04 -33.67
N GLY A 333 23.95 -11.77 -33.84
CA GLY A 333 22.67 -11.32 -34.34
C GLY A 333 22.42 -11.85 -35.75
N LYS A 334 21.25 -11.53 -36.28
CA LYS A 334 20.87 -12.14 -37.55
C LYS A 334 20.25 -11.20 -38.57
N LYS A 335 19.90 -9.97 -38.23
CA LYS A 335 19.18 -9.12 -39.17
C LYS A 335 19.66 -7.69 -39.07
N GLY A 336 20.06 -7.12 -40.21
CA GLY A 336 20.31 -5.69 -40.28
C GLY A 336 21.51 -5.26 -39.45
N LYS A 337 21.30 -4.23 -38.62
CA LYS A 337 22.40 -3.62 -37.90
C LYS A 337 23.04 -4.56 -36.88
N ASP A 338 22.31 -5.56 -36.42
CA ASP A 338 22.85 -6.52 -35.47
C ASP A 338 23.47 -7.73 -36.15
N LEU A 339 23.44 -7.79 -37.48
CA LEU A 339 24.13 -8.86 -38.20
C LEU A 339 25.64 -8.75 -37.99
N GLY A 340 26.20 -9.66 -37.20
CA GLY A 340 27.61 -9.63 -36.89
C GLY A 340 27.93 -9.12 -35.50
N ALA A 341 26.94 -8.78 -34.70
CA ALA A 341 27.16 -8.26 -33.36
C ALA A 341 27.15 -9.40 -32.35
N ILE A 342 28.12 -9.38 -31.44
CA ILE A 342 28.27 -10.45 -30.48
C ILE A 342 27.08 -10.52 -29.53
N LEU A 343 26.73 -11.74 -29.11
CA LEU A 343 25.84 -11.97 -28.00
C LEU A 343 26.35 -13.16 -27.20
N TRP A 344 26.16 -13.10 -25.89
CA TRP A 344 26.66 -14.14 -24.99
C TRP A 344 25.67 -15.28 -24.88
N VAL A 345 26.16 -16.40 -24.37
CA VAL A 345 25.35 -17.58 -24.09
C VAL A 345 25.72 -18.03 -22.68
N CYS A 346 24.84 -17.78 -21.73
CA CYS A 346 25.06 -18.23 -20.35
C CYS A 346 24.42 -19.60 -20.15
N GLU A 347 24.40 -20.06 -18.91
CA GLU A 347 23.91 -21.39 -18.59
C GLU A 347 23.64 -21.46 -17.08
N LEU A 348 22.65 -22.25 -16.71
CA LEU A 348 22.18 -22.31 -15.34
C LEU A 348 22.68 -23.57 -14.65
N PRO A 349 22.45 -23.70 -13.34
CA PRO A 349 22.68 -25.01 -12.69
C PRO A 349 22.05 -26.17 -13.43
N ASN A 350 20.76 -26.06 -13.77
CA ASN A 350 20.07 -27.09 -14.55
C ASN A 350 20.68 -27.26 -15.94
N LYS A 351 21.62 -26.40 -16.33
CA LYS A 351 22.32 -26.47 -17.62
C LYS A 351 21.42 -26.13 -18.81
N LYS A 352 20.38 -25.33 -18.61
CA LYS A 352 19.65 -24.76 -19.73
C LYS A 352 20.25 -23.41 -20.10
N ARG A 353 20.36 -23.15 -21.39
CA ARG A 353 21.11 -22.02 -21.91
C ARG A 353 20.18 -20.92 -22.41
N PHE A 354 20.71 -19.70 -22.45
CA PHE A 354 19.98 -18.53 -22.91
C PHE A 354 20.99 -17.50 -23.41
N VAL A 355 20.47 -16.40 -23.95
CA VAL A 355 21.28 -15.37 -24.59
C VAL A 355 21.11 -14.07 -23.82
N VAL A 356 22.20 -13.31 -23.71
CA VAL A 356 22.19 -12.00 -23.08
C VAL A 356 22.85 -11.01 -24.04
N THR A 357 22.22 -9.85 -24.22
CA THR A 357 22.85 -8.80 -25.01
C THR A 357 23.79 -7.99 -24.12
N PRO A 358 25.04 -7.78 -24.52
CA PRO A 358 25.96 -6.98 -23.71
C PRO A 358 25.52 -5.54 -23.60
N LYS A 359 26.04 -4.86 -22.57
CA LYS A 359 25.71 -3.48 -22.28
C LYS A 359 26.98 -2.64 -22.27
N HIS A 360 26.84 -1.37 -22.62
CA HIS A 360 27.97 -0.44 -22.75
C HIS A 360 29.02 -0.93 -23.74
N LEU A 361 28.58 -1.55 -24.83
CA LEU A 361 29.49 -2.02 -25.87
C LEU A 361 29.05 -1.44 -27.21
N THR A 362 29.95 -0.70 -27.84
CA THR A 362 29.65 -0.13 -29.15
C THR A 362 29.42 -1.25 -30.16
N TYR A 363 28.54 -0.99 -31.13
CA TYR A 363 28.43 -1.90 -32.26
C TYR A 363 29.76 -2.04 -32.97
N ALA A 364 30.56 -0.98 -32.99
CA ALA A 364 31.92 -1.10 -33.50
C ALA A 364 32.72 -2.13 -32.73
N ASP A 365 32.55 -2.17 -31.41
CA ASP A 365 33.17 -3.22 -30.61
C ASP A 365 32.60 -4.58 -30.96
N ARG A 366 31.28 -4.73 -30.85
CA ARG A 366 30.65 -6.04 -30.94
C ARG A 366 30.86 -6.70 -32.30
N TYR A 367 31.07 -5.92 -33.36
CA TYR A 367 31.51 -6.50 -34.61
C TYR A 367 32.88 -7.14 -34.46
N ALA A 368 33.79 -6.48 -33.75
CA ALA A 368 35.13 -7.00 -33.57
C ALA A 368 35.14 -8.26 -32.72
N LEU A 369 34.56 -8.18 -31.52
CA LEU A 369 34.61 -9.33 -30.63
C LEU A 369 33.84 -10.53 -31.15
N PHE A 370 33.16 -10.43 -32.29
CA PHE A 370 32.65 -11.61 -32.97
C PHE A 370 33.56 -12.08 -34.08
N GLN A 371 34.14 -11.14 -34.85
CA GLN A 371 34.98 -11.51 -35.97
C GLN A 371 36.32 -12.05 -35.49
N LYS A 372 36.87 -11.46 -34.43
CA LYS A 372 38.21 -11.81 -33.97
C LYS A 372 38.22 -13.01 -33.05
N LEU A 373 37.12 -13.29 -32.36
CA LEU A 373 37.13 -14.37 -31.38
C LEU A 373 37.14 -15.71 -32.09
N THR A 374 37.84 -16.67 -31.49
CA THR A 374 37.93 -18.03 -32.01
C THR A 374 37.67 -19.02 -30.88
N PRO A 375 37.02 -20.14 -31.17
CA PRO A 375 36.88 -21.18 -30.14
C PRO A 375 38.20 -21.54 -29.48
N ALA A 376 39.29 -21.43 -30.17
CA ALA A 376 40.54 -21.66 -29.49
C ALA A 376 40.85 -20.54 -28.50
N LEU A 377 40.68 -19.30 -28.95
CA LEU A 377 40.93 -18.17 -28.08
C LEU A 377 39.95 -17.98 -26.95
N PHE A 378 38.69 -18.21 -27.25
CA PHE A 378 37.63 -18.00 -26.29
C PHE A 378 37.78 -18.90 -25.09
N LYS A 379 38.08 -20.14 -25.38
CA LYS A 379 38.21 -21.12 -24.34
C LYS A 379 39.32 -20.82 -23.37
N LYS A 380 40.42 -20.29 -23.84
CA LYS A 380 41.48 -19.88 -22.96
C LYS A 380 41.07 -18.76 -22.03
N HIS A 381 40.35 -17.77 -22.53
CA HIS A 381 40.02 -16.59 -21.73
C HIS A 381 38.68 -16.28 -21.08
N LEU A 382 37.63 -16.70 -21.73
CA LEU A 382 36.28 -16.31 -21.32
C LEU A 382 35.40 -17.47 -20.87
N TYR A 383 35.62 -18.68 -21.37
CA TYR A 383 34.79 -19.81 -20.97
C TYR A 383 34.93 -20.06 -19.47
N GLY A 384 33.79 -20.20 -18.79
CA GLY A 384 33.76 -20.44 -17.38
C GLY A 384 33.70 -19.21 -16.51
N LYS A 385 34.00 -18.03 -17.06
CA LYS A 385 33.90 -16.81 -16.27
C LYS A 385 32.45 -16.55 -15.89
N GLU A 386 32.27 -15.65 -14.93
CA GLU A 386 30.95 -15.33 -14.39
C GLU A 386 30.50 -13.97 -14.90
N LEU A 387 29.36 -13.93 -15.56
CA LEU A 387 28.80 -12.72 -16.15
C LEU A 387 27.69 -12.20 -15.27
N THR A 388 27.77 -10.93 -14.89
CA THR A 388 26.72 -10.31 -14.10
C THR A 388 25.58 -9.89 -15.02
N VAL A 389 24.36 -10.31 -14.70
CA VAL A 389 23.20 -10.08 -15.54
C VAL A 389 22.14 -9.33 -14.74
N GLU A 390 21.72 -8.18 -15.25
CA GLU A 390 20.59 -7.46 -14.68
C GLU A 390 19.30 -7.96 -15.30
N TYR A 391 18.30 -8.20 -14.45
CA TYR A 391 17.04 -8.73 -14.95
C TYR A 391 15.91 -8.21 -14.07
N ALA A 392 14.69 -8.34 -14.59
CA ALA A 392 13.49 -7.94 -13.86
C ALA A 392 12.96 -9.05 -12.97
N GLU A 393 13.02 -10.29 -13.45
CA GLU A 393 12.48 -11.44 -12.73
C GLU A 393 13.02 -12.70 -13.39
N LEU A 394 12.88 -13.81 -12.67
CA LEU A 394 13.31 -15.11 -13.15
C LEU A 394 12.14 -15.83 -13.79
N SER A 395 12.37 -16.43 -14.96
CA SER A 395 11.35 -17.22 -15.62
C SER A 395 10.82 -18.28 -14.66
N PRO A 396 9.54 -18.23 -14.27
CA PRO A 396 9.04 -19.16 -13.26
C PRO A 396 9.02 -20.61 -13.73
N LYS A 397 9.28 -20.89 -15.01
CA LYS A 397 9.25 -22.25 -15.52
C LYS A 397 10.61 -22.78 -15.94
N THR A 398 11.61 -21.91 -16.08
CA THR A 398 12.96 -22.36 -16.40
C THR A 398 14.04 -21.73 -15.55
N GLY A 399 13.73 -20.68 -14.78
CA GLY A 399 14.74 -19.99 -14.01
C GLY A 399 15.65 -19.09 -14.82
N ILE A 400 15.42 -18.99 -16.13
CA ILE A 400 16.17 -18.05 -16.96
C ILE A 400 15.82 -16.63 -16.57
N PRO A 401 16.79 -15.72 -16.46
CA PRO A 401 16.44 -14.31 -16.22
C PRO A 401 15.86 -13.68 -17.47
N LEU A 402 14.68 -13.10 -17.32
CA LEU A 402 13.98 -12.43 -18.41
C LEU A 402 14.22 -10.94 -18.32
N GLN A 403 14.17 -10.27 -19.47
CA GLN A 403 14.57 -8.88 -19.59
C GLN A 403 15.99 -8.70 -19.06
N ALA A 404 16.90 -9.47 -19.65
CA ALA A 404 18.24 -9.64 -19.14
C ALA A 404 19.23 -8.75 -19.88
N ARG A 405 20.18 -8.20 -19.13
CA ARG A 405 21.26 -7.38 -19.66
C ARG A 405 22.58 -7.85 -19.07
N ALA A 406 23.64 -7.75 -19.87
CA ALA A 406 24.98 -8.11 -19.42
C ALA A 406 25.76 -6.84 -19.15
N VAL A 407 25.92 -6.50 -17.87
CA VAL A 407 26.65 -5.29 -17.51
C VAL A 407 28.16 -5.53 -17.56
N GLY A 408 28.61 -6.69 -17.10
CA GLY A 408 30.03 -6.98 -17.12
C GLY A 408 30.31 -8.28 -16.39
N PHE A 409 31.57 -8.50 -16.05
CA PHE A 409 31.99 -9.70 -15.36
C PHE A 409 32.39 -9.39 -13.92
N ARG A 410 32.57 -10.45 -13.14
CA ARG A 410 33.07 -10.31 -11.78
C ARG A 410 34.59 -10.17 -11.77
N GLU A 411 35.27 -10.89 -12.65
CA GLU A 411 36.68 -10.72 -12.93
C GLU A 411 36.79 -10.00 -14.27
N PRO A 412 36.91 -8.67 -14.27
CA PRO A 412 36.75 -7.92 -15.52
C PRO A 412 37.78 -8.30 -16.57
N ILE A 413 37.44 -7.99 -17.82
CA ILE A 413 38.28 -8.24 -18.97
C ILE A 413 38.05 -7.14 -20.00
N ASN A 414 38.49 -7.37 -21.23
CA ASN A 414 38.26 -6.42 -22.31
C ASN A 414 37.17 -6.94 -23.24
N LEU B 2 0.44 -15.97 53.24
CA LEU B 2 0.00 -14.65 52.83
C LEU B 2 1.00 -13.59 53.26
N ASN B 3 2.20 -14.03 53.63
CA ASN B 3 3.22 -13.11 54.12
C ASN B 3 3.63 -12.10 53.04
N GLN B 4 3.67 -12.54 51.78
CA GLN B 4 4.20 -11.69 50.72
C GLN B 4 3.25 -10.58 50.31
N PHE B 5 1.94 -10.81 50.46
CA PHE B 5 1.08 -9.81 49.84
C PHE B 5 0.56 -8.80 50.87
N PRO B 6 0.58 -7.52 50.53
CA PRO B 6 0.01 -6.51 51.43
C PRO B 6 -1.49 -6.67 51.59
N GLY B 7 -2.00 -6.24 52.73
CA GLY B 7 -3.39 -6.30 53.08
C GLY B 7 -3.55 -6.91 54.45
N GLN B 8 -4.78 -7.33 54.75
CA GLN B 8 -5.09 -7.89 56.07
C GLN B 8 -6.05 -9.06 55.90
N TYR B 9 -5.76 -10.16 56.60
CA TYR B 9 -6.64 -11.32 56.60
C TYR B 9 -7.52 -11.22 57.84
N SER B 10 -8.82 -11.00 57.62
CA SER B 10 -9.78 -10.89 58.71
C SER B 10 -11.17 -11.14 58.14
N ASN B 11 -11.99 -11.84 58.92
CA ASN B 11 -13.38 -12.13 58.55
C ASN B 11 -13.43 -12.87 57.21
N ASN B 12 -12.62 -13.93 57.10
CA ASN B 12 -12.64 -14.85 55.96
C ASN B 12 -12.29 -14.16 54.65
N ILE B 13 -11.76 -12.95 54.72
CA ILE B 13 -11.63 -12.06 53.56
C ILE B 13 -10.32 -11.28 53.67
N PHE B 14 -9.59 -11.19 52.55
CA PHE B 14 -8.32 -10.48 52.50
C PHE B 14 -8.45 -9.34 51.49
N CYS B 15 -8.51 -8.11 51.98
CA CYS B 15 -8.57 -6.93 51.12
C CYS B 15 -7.21 -6.24 51.08
N PHE B 16 -6.82 -5.78 49.90
CA PHE B 16 -5.54 -5.11 49.74
C PHE B 16 -5.60 -3.69 50.32
N PRO B 17 -4.45 -3.07 50.55
CA PRO B 17 -4.42 -1.70 51.07
C PRO B 17 -5.16 -0.75 50.15
N PRO B 18 -5.97 0.14 50.72
CA PRO B 18 -6.65 1.15 49.90
C PRO B 18 -5.66 1.96 49.07
N ILE B 19 -6.11 2.38 47.91
CA ILE B 19 -5.37 3.32 47.08
C ILE B 19 -5.97 4.70 47.29
N GLU B 20 -5.11 5.71 47.43
CA GLU B 20 -5.54 7.05 47.80
C GLU B 20 -5.17 8.02 46.69
N SER B 21 -6.18 8.46 45.95
CA SER B 21 -6.04 9.43 44.88
C SER B 21 -6.90 10.62 45.21
N GLU B 22 -6.59 11.76 44.61
CA GLU B 22 -7.45 12.93 44.71
C GLU B 22 -8.27 13.00 43.43
N THR B 23 -9.59 12.93 43.57
CA THR B 23 -10.51 12.97 42.44
C THR B 23 -10.68 14.40 41.95
N LYS B 24 -11.38 14.55 40.82
CA LYS B 24 -11.49 15.84 40.16
C LYS B 24 -12.04 16.92 41.08
N SER B 25 -13.04 16.60 41.88
CA SER B 25 -13.61 17.57 42.81
C SER B 25 -12.74 17.78 44.05
N GLY B 26 -11.45 17.45 43.99
CA GLY B 26 -10.54 17.71 45.07
C GLY B 26 -10.61 16.74 46.22
N LYS B 27 -11.64 15.92 46.30
CA LYS B 27 -11.84 15.03 47.42
C LYS B 27 -10.89 13.84 47.34
N LYS B 28 -10.78 13.11 48.45
CA LYS B 28 -9.96 11.92 48.51
C LYS B 28 -10.84 10.71 48.19
N ALA B 29 -10.52 10.02 47.10
CA ALA B 29 -11.22 8.79 46.74
C ALA B 29 -10.40 7.59 47.18
N SER B 30 -11.12 6.55 47.61
CA SER B 30 -10.50 5.32 48.08
C SER B 30 -11.08 4.15 47.29
N TRP B 31 -10.26 3.12 47.10
CA TRP B 31 -10.62 2.00 46.25
C TRP B 31 -10.00 0.72 46.81
N ILE B 32 -10.79 -0.35 46.86
CA ILE B 32 -10.41 -1.60 47.50
C ILE B 32 -10.58 -2.74 46.50
N ILE B 33 -9.58 -3.61 46.41
CA ILE B 33 -9.66 -4.86 45.66
C ILE B 33 -9.60 -6.01 46.67
N CYS B 34 -10.54 -6.95 46.55
CA CYS B 34 -10.68 -7.95 47.59
C CYS B 34 -11.10 -9.29 47.00
N VAL B 35 -10.81 -10.35 47.76
CA VAL B 35 -11.05 -11.73 47.33
C VAL B 35 -11.71 -12.51 48.46
N GLN B 36 -12.66 -13.38 48.10
CA GLN B 36 -13.34 -14.26 49.05
C GLN B 36 -13.30 -15.70 48.53
N VAL B 37 -13.90 -16.62 49.31
CA VAL B 37 -13.68 -18.06 49.15
C VAL B 37 -14.95 -18.86 49.43
N VAL B 38 -15.80 -19.04 48.42
CA VAL B 38 -17.12 -19.64 48.60
C VAL B 38 -17.06 -21.12 48.24
N GLN B 39 -17.57 -21.97 49.14
CA GLN B 39 -17.82 -23.38 48.87
C GLN B 39 -19.28 -23.72 49.14
N HIS B 40 -20.01 -24.08 48.09
CA HIS B 40 -21.43 -24.41 48.17
C HIS B 40 -22.23 -23.30 48.84
N ASN B 41 -22.08 -22.10 48.29
CA ASN B 41 -22.83 -20.91 48.74
C ASN B 41 -22.64 -20.68 50.24
N THR B 42 -21.40 -20.80 50.70
CA THR B 42 -21.02 -20.55 52.08
C THR B 42 -19.66 -19.86 52.07
N ILE B 43 -19.28 -19.30 53.22
CA ILE B 43 -18.04 -18.55 53.28
C ILE B 43 -17.03 -19.34 54.11
N ILE B 44 -15.75 -19.19 53.75
CA ILE B 44 -14.69 -20.03 54.31
C ILE B 44 -13.49 -19.13 54.55
N PRO B 45 -12.77 -19.30 55.67
CA PRO B 45 -11.49 -18.61 55.85
C PRO B 45 -10.46 -18.92 54.78
N ILE B 46 -9.31 -18.26 54.86
CA ILE B 46 -8.21 -18.43 53.92
C ILE B 46 -7.02 -19.04 54.67
N THR B 47 -6.64 -20.25 54.28
CA THR B 47 -5.49 -20.92 54.87
C THR B 47 -4.29 -20.76 53.94
N ASP B 48 -3.14 -21.29 54.37
CA ASP B 48 -1.90 -21.13 53.62
C ASP B 48 -1.52 -22.36 52.80
N GLU B 49 -2.37 -23.38 52.72
CA GLU B 49 -2.03 -24.57 51.95
C GLU B 49 -3.01 -24.88 50.83
N MET B 50 -4.05 -24.06 50.62
CA MET B 50 -4.75 -24.07 49.34
C MET B 50 -3.98 -23.30 48.29
N PHE B 51 -3.01 -22.48 48.72
CA PHE B 51 -1.90 -22.07 47.85
C PHE B 51 -1.29 -23.27 47.15
N SER B 52 -1.42 -24.48 47.71
CA SER B 52 -0.85 -25.68 47.13
C SER B 52 -1.88 -26.64 46.54
N THR B 53 -3.05 -26.78 47.16
CA THR B 53 -4.04 -27.73 46.66
C THR B 53 -5.45 -27.19 46.90
N ASP B 54 -6.34 -27.45 45.95
CA ASP B 54 -7.69 -26.90 45.99
C ASP B 54 -8.66 -27.84 46.71
N VAL B 55 -9.63 -27.23 47.38
CA VAL B 55 -10.68 -27.94 48.11
C VAL B 55 -11.88 -28.08 47.18
N LYS B 56 -12.67 -29.12 47.39
CA LYS B 56 -13.64 -29.53 46.38
C LYS B 56 -14.85 -28.60 46.33
N ASP B 57 -15.36 -28.42 45.10
CA ASP B 57 -16.45 -27.51 44.75
C ASP B 57 -16.37 -26.17 45.47
N ALA B 58 -15.18 -25.56 45.53
CA ALA B 58 -15.01 -24.25 46.11
C ALA B 58 -14.32 -23.34 45.11
N VAL B 59 -14.92 -22.18 44.85
CA VAL B 59 -14.33 -21.18 43.96
C VAL B 59 -14.07 -19.91 44.77
N ALA B 60 -13.04 -19.18 44.36
CA ALA B 60 -12.74 -17.88 44.94
C ALA B 60 -13.38 -16.78 44.09
N GLU B 61 -13.95 -15.79 44.76
CA GLU B 61 -14.67 -14.71 44.10
C GLU B 61 -13.98 -13.39 44.39
N ILE B 62 -13.64 -12.66 43.33
CA ILE B 62 -12.93 -11.39 43.42
C ILE B 62 -13.92 -10.25 43.19
N PHE B 63 -13.92 -9.29 44.10
CA PHE B 63 -14.81 -8.14 44.01
C PHE B 63 -14.05 -6.87 44.34
N THR B 64 -14.58 -5.74 43.88
CA THR B 64 -13.99 -4.43 44.11
C THR B 64 -15.00 -3.55 44.82
N LYS B 65 -14.51 -2.70 45.72
CA LYS B 65 -15.36 -1.75 46.44
C LYS B 65 -14.75 -0.36 46.32
N PHE B 66 -15.52 0.58 45.77
CA PHE B 66 -15.07 1.94 45.55
C PHE B 66 -16.04 2.91 46.19
N PHE B 67 -15.50 3.86 46.91
CA PHE B 67 -16.34 4.79 47.56
C PHE B 67 -15.65 6.11 47.66
N VAL B 68 -16.38 7.16 47.39
CA VAL B 68 -15.90 8.48 47.69
C VAL B 68 -16.04 8.49 49.23
N GLU B 69 -15.15 9.16 49.94
CA GLU B 69 -15.13 9.01 51.39
C GLU B 69 -16.39 9.31 52.21
N GLU B 70 -17.11 10.35 51.87
CA GLU B 70 -18.33 10.65 52.59
C GLU B 70 -19.55 10.26 51.77
N GLY B 71 -19.36 9.37 50.80
CA GLY B 71 -20.40 8.95 49.91
C GLY B 71 -20.75 7.49 49.89
N ALA B 72 -21.33 7.09 48.78
CA ALA B 72 -21.79 5.75 48.51
C ALA B 72 -20.72 4.78 48.26
N VAL B 73 -21.08 3.52 48.38
CA VAL B 73 -20.11 2.44 48.14
C VAL B 73 -20.69 1.53 47.06
N ARG B 74 -19.93 1.33 45.99
CA ARG B 74 -20.34 0.48 44.88
C ARG B 74 -19.73 -0.91 45.00
N ILE B 75 -20.45 -1.92 44.51
CA ILE B 75 -20.05 -3.31 44.61
C ILE B 75 -19.78 -3.85 43.21
N SER B 76 -18.71 -4.62 43.07
CA SER B 76 -18.39 -5.22 41.79
C SER B 76 -19.17 -6.52 41.60
N LYS B 77 -19.53 -6.78 40.35
CA LYS B 77 -20.07 -8.09 39.98
C LYS B 77 -19.02 -9.16 40.28
N MET B 78 -19.44 -10.23 40.93
CA MET B 78 -18.48 -11.23 41.39
C MET B 78 -17.73 -11.81 40.19
N THR B 79 -16.44 -12.05 40.36
CA THR B 79 -15.61 -12.70 39.35
C THR B 79 -15.19 -14.06 39.89
N ARG B 80 -15.78 -15.12 39.35
CA ARG B 80 -15.61 -16.47 39.87
C ARG B 80 -14.39 -17.10 39.21
N VAL B 81 -13.42 -17.51 40.02
CA VAL B 81 -12.30 -18.29 39.50
C VAL B 81 -12.73 -19.76 39.48
N THR B 82 -13.01 -20.26 38.29
CA THR B 82 -13.46 -21.64 38.15
C THR B 82 -12.31 -22.61 38.34
N GLU B 83 -11.14 -22.29 37.79
CA GLU B 83 -10.02 -23.20 37.70
C GLU B 83 -8.73 -22.46 38.02
N GLY B 84 -7.62 -23.18 37.94
CA GLY B 84 -6.32 -22.58 37.84
C GLY B 84 -5.87 -22.48 36.40
N LYS B 85 -4.61 -22.09 36.21
CA LYS B 85 -4.08 -21.94 34.87
C LYS B 85 -2.66 -22.49 34.82
N ASN B 86 -2.30 -23.01 33.64
CA ASN B 86 -1.05 -23.73 33.42
C ASN B 86 -0.94 -24.95 34.35
N LEU B 87 -2.02 -25.74 34.39
CA LEU B 87 -2.10 -26.80 35.40
C LEU B 87 -1.21 -27.98 35.06
N GLY B 88 -0.92 -28.21 33.78
CA GLY B 88 0.00 -29.27 33.41
C GLY B 88 1.46 -28.93 33.66
N LYS B 89 1.80 -27.65 33.66
CA LYS B 89 3.19 -27.23 33.72
C LYS B 89 3.65 -27.07 35.17
N LYS B 90 4.95 -26.78 35.32
CA LYS B 90 5.52 -26.53 36.65
C LYS B 90 5.12 -25.19 37.22
N ASN B 91 4.33 -24.40 36.48
CA ASN B 91 3.81 -23.14 36.96
C ASN B 91 2.33 -23.25 37.32
N ALA B 92 1.88 -24.45 37.64
CA ALA B 92 0.48 -24.71 37.95
C ALA B 92 -0.01 -23.80 39.06
N THR B 93 -0.98 -22.97 38.73
CA THR B 93 -1.63 -22.10 39.70
C THR B 93 -2.85 -22.80 40.24
N THR B 94 -2.88 -23.00 41.56
CA THR B 94 -4.10 -23.47 42.20
C THR B 94 -5.18 -22.40 42.08
N VAL B 95 -6.40 -22.77 42.48
CA VAL B 95 -7.55 -21.93 42.15
C VAL B 95 -7.57 -20.64 42.97
N VAL B 96 -6.82 -20.58 44.06
CA VAL B 96 -6.78 -19.40 44.91
C VAL B 96 -5.48 -18.61 44.76
N HIS B 97 -4.35 -19.30 44.61
CA HIS B 97 -3.09 -18.60 44.37
C HIS B 97 -3.13 -17.77 43.11
N GLN B 98 -3.90 -18.19 42.11
CA GLN B 98 -3.98 -17.41 40.89
C GLN B 98 -4.91 -16.21 41.07
N ALA B 99 -6.07 -16.43 41.69
CA ALA B 99 -6.95 -15.33 42.04
C ALA B 99 -6.26 -14.35 42.97
N PHE B 100 -5.40 -14.84 43.86
CA PHE B 100 -4.68 -13.97 44.76
C PHE B 100 -3.51 -13.27 44.07
N LYS B 101 -3.04 -13.81 42.96
CA LYS B 101 -2.08 -13.13 42.09
C LYS B 101 -2.77 -12.32 41.00
N ASP B 102 -4.01 -12.66 40.65
CA ASP B 102 -4.78 -11.82 39.75
C ASP B 102 -5.10 -10.49 40.38
N ALA B 103 -5.45 -10.48 41.67
CA ALA B 103 -5.80 -9.24 42.33
C ALA B 103 -4.57 -8.38 42.60
N LEU B 104 -3.45 -9.00 42.98
CA LEU B 104 -2.25 -8.22 43.23
C LEU B 104 -1.76 -7.54 41.96
N SER B 105 -1.95 -8.17 40.81
CA SER B 105 -1.64 -7.51 39.55
C SER B 105 -2.50 -6.26 39.38
N LYS B 106 -3.82 -6.40 39.60
CA LYS B 106 -4.71 -5.25 39.50
C LYS B 106 -4.32 -4.16 40.50
N TYR B 107 -3.68 -4.54 41.60
CA TYR B 107 -3.24 -3.56 42.58
C TYR B 107 -2.15 -2.67 42.00
N ASN B 108 -1.10 -3.28 41.45
CA ASN B 108 -0.01 -2.51 40.87
C ASN B 108 -0.44 -1.71 39.65
N ARG B 109 -1.31 -2.32 38.86
CA ARG B 109 -1.79 -1.72 37.67
C ARG B 109 -2.53 -0.46 38.01
N HIS B 110 -3.35 -0.51 39.02
CA HIS B 110 -4.19 0.62 39.46
C HIS B 110 -3.53 1.89 39.96
N ALA B 111 -2.42 1.75 40.61
CA ALA B 111 -1.77 2.89 41.20
C ALA B 111 -1.33 3.99 40.26
N ARG B 112 -0.80 3.62 39.13
CA ARG B 112 -0.26 4.61 38.22
C ARG B 112 -1.13 5.63 37.54
N GLN B 113 -2.32 5.29 37.09
CA GLN B 113 -3.15 6.24 36.35
C GLN B 113 -3.66 7.49 37.08
N LYS B 114 -3.62 7.46 38.42
CA LYS B 114 -4.02 8.49 39.34
C LYS B 114 -2.98 9.59 39.64
N ARG B 115 -3.37 10.51 40.49
CA ARG B 115 -2.75 11.75 40.94
C ARG B 115 -1.67 11.43 41.95
N GLY B 116 -2.07 11.06 43.16
CA GLY B 116 -1.15 10.67 44.21
C GLY B 116 0.00 11.62 44.45
N GLY B 122 6.98 10.63 38.77
CA GLY B 122 6.87 12.07 38.54
C GLY B 122 6.28 12.40 37.19
N MET B 123 5.56 11.45 36.62
CA MET B 123 4.94 11.60 35.31
C MET B 123 3.56 12.23 35.44
N ILE B 124 3.13 12.88 34.36
CA ILE B 124 1.83 13.53 34.29
C ILE B 124 1.08 12.94 33.10
N PRO B 125 -0.11 12.38 33.29
CA PRO B 125 -0.83 11.77 32.18
C PRO B 125 -1.29 12.81 31.19
N PRO B 126 -1.17 12.54 29.89
CA PRO B 126 -1.51 13.56 28.89
C PRO B 126 -3.01 13.80 28.81
N MET B 127 -3.35 14.95 28.23
CA MET B 127 -4.74 15.37 28.10
C MET B 127 -5.42 14.65 26.93
N LEU B 128 -6.63 14.15 27.18
CA LEU B 128 -7.39 13.41 26.19
C LEU B 128 -8.57 14.23 25.71
N VAL B 129 -8.97 14.02 24.45
CA VAL B 129 -10.05 14.80 23.83
C VAL B 129 -11.38 14.16 24.19
N LYS B 130 -12.42 14.98 24.24
CA LYS B 130 -13.75 14.52 24.64
C LYS B 130 -14.73 14.40 23.49
N TYR B 131 -14.77 15.39 22.60
CA TYR B 131 -15.80 15.45 21.57
C TYR B 131 -15.32 14.76 20.29
N PHE B 132 -16.19 13.93 19.72
CA PHE B 132 -15.90 13.17 18.50
C PHE B 132 -16.81 13.69 17.40
N ASN B 133 -16.22 14.30 16.38
CA ASN B 133 -16.97 14.90 15.28
C ASN B 133 -18.01 15.89 15.80
N ILE B 134 -17.63 16.62 16.83
CA ILE B 134 -18.47 17.66 17.41
C ILE B 134 -17.59 18.86 17.72
N ILE B 135 -18.01 20.04 17.28
CA ILE B 135 -17.36 21.29 17.60
C ILE B 135 -18.36 22.18 18.34
N PRO B 136 -18.28 22.24 19.66
CA PRO B 136 -19.19 23.11 20.41
C PRO B 136 -19.10 24.54 19.93
N LYS B 137 -20.25 25.21 19.88
CA LYS B 137 -20.33 26.54 19.30
C LYS B 137 -19.47 27.56 20.03
N THR B 138 -19.12 27.30 21.29
CA THR B 138 -18.37 28.28 22.06
C THR B 138 -16.93 28.43 21.59
N PHE B 139 -16.42 27.49 20.80
CA PHE B 139 -15.04 27.60 20.32
C PHE B 139 -14.85 28.84 19.47
N PHE B 140 -15.86 29.19 18.68
CA PHE B 140 -15.77 30.37 17.81
C PHE B 140 -16.25 31.63 18.51
N GLU B 141 -16.88 31.52 19.67
CA GLU B 141 -17.39 32.66 20.42
C GLU B 141 -16.41 33.14 21.48
N GLU B 142 -15.13 33.24 21.15
CA GLU B 142 -14.11 33.68 22.09
C GLU B 142 -13.21 34.72 21.42
N GLU B 143 -12.34 35.32 22.24
CA GLU B 143 -11.49 36.41 21.76
C GLU B 143 -10.53 35.96 20.67
N THR B 144 -10.22 34.68 20.58
CA THR B 144 -9.25 34.19 19.60
C THR B 144 -9.79 32.93 18.94
N ASP B 145 -9.39 32.73 17.69
CA ASP B 145 -9.89 31.62 16.90
C ASP B 145 -9.25 30.31 17.36
N PRO B 146 -9.98 29.20 17.26
CA PRO B 146 -9.38 27.89 17.56
C PRO B 146 -8.36 27.52 16.49
N ILE B 147 -7.58 26.49 16.81
CA ILE B 147 -6.51 26.02 15.94
C ILE B 147 -6.74 24.55 15.61
N VAL B 148 -6.49 24.19 14.35
CA VAL B 148 -6.68 22.83 13.84
C VAL B 148 -5.32 22.22 13.54
N GLN B 149 -5.15 20.96 13.95
CA GLN B 149 -3.94 20.20 13.69
C GLN B 149 -4.32 18.84 13.14
N ARG B 150 -3.34 18.16 12.56
CA ARG B 150 -3.57 16.83 12.04
C ARG B 150 -3.63 15.81 13.18
N LYS B 151 -4.29 14.69 12.92
CA LYS B 151 -4.35 13.58 13.85
C LYS B 151 -3.63 12.40 13.21
N ARG B 152 -2.66 11.84 13.92
CA ARG B 152 -1.80 10.80 13.39
C ARG B 152 -2.15 9.48 14.06
N ASN B 153 -2.32 8.42 13.27
CA ASN B 153 -2.68 7.11 13.79
C ASN B 153 -1.43 6.48 14.39
N GLY B 154 -1.11 6.90 15.61
CA GLY B 154 0.05 6.38 16.31
C GLY B 154 -0.16 6.27 17.81
N VAL B 155 0.92 6.05 18.54
CA VAL B 155 0.90 5.97 19.99
C VAL B 155 1.32 7.32 20.56
N ARG B 156 0.61 7.77 21.59
CA ARG B 156 0.87 9.06 22.20
C ARG B 156 1.97 8.96 23.25
N ALA B 157 2.81 9.98 23.32
CA ALA B 157 3.93 9.98 24.27
C ALA B 157 4.16 11.39 24.79
N VAL B 158 4.70 11.47 26.01
CA VAL B 158 5.04 12.73 26.65
C VAL B 158 6.52 12.70 26.99
N ALA B 159 7.22 13.80 26.68
CA ALA B 159 8.66 13.92 26.92
C ALA B 159 8.94 14.98 27.98
N CYS B 160 9.76 14.63 28.95
CA CYS B 160 10.24 15.58 29.95
C CYS B 160 11.64 15.17 30.39
N GLN B 161 12.37 16.15 30.90
CA GLN B 161 13.73 15.93 31.42
C GLN B 161 13.66 15.84 32.95
N GLN B 162 14.09 14.71 33.49
CA GLN B 162 14.05 14.49 34.93
C GLN B 162 15.30 15.10 35.57
N GLY B 163 15.47 14.86 36.87
CA GLY B 163 16.54 15.51 37.61
C GLY B 163 17.92 15.16 37.10
N ASP B 164 18.14 13.90 36.74
CA ASP B 164 19.46 13.46 36.31
C ASP B 164 19.84 14.00 34.93
N GLY B 165 18.97 14.75 34.28
CA GLY B 165 19.25 15.23 32.94
C GLY B 165 18.92 14.24 31.85
N CYS B 166 18.50 13.03 32.20
CA CYS B 166 18.06 12.05 31.22
C CYS B 166 16.64 12.39 30.75
N ILE B 167 16.30 11.84 29.59
CA ILE B 167 15.02 12.11 28.95
C ILE B 167 14.05 10.99 29.29
N LEU B 168 12.87 11.36 29.77
CA LEU B 168 11.83 10.42 30.18
C LEU B 168 10.67 10.50 29.18
N LEU B 169 10.51 9.46 28.38
CA LEU B 169 9.43 9.36 27.40
C LEU B 169 8.45 8.30 27.89
N TYR B 170 7.25 8.73 28.27
CA TYR B 170 6.26 7.84 28.85
C TYR B 170 4.96 7.93 28.07
N SER B 171 4.06 6.99 28.35
CA SER B 171 2.84 6.81 27.58
C SER B 171 1.65 7.45 28.29
N ARG B 172 0.47 7.25 27.69
CA ARG B 172 -0.75 7.85 28.21
C ARG B 172 -1.19 7.20 29.52
N THR B 173 -0.79 5.96 29.76
CA THR B 173 -1.03 5.31 31.04
C THR B 173 0.13 5.51 32.01
N GLU B 174 1.06 6.40 31.67
CA GLU B 174 2.23 6.69 32.51
C GLU B 174 3.12 5.46 32.67
N LYS B 175 3.53 4.88 31.55
CA LYS B 175 4.54 3.85 31.51
C LYS B 175 5.66 4.27 30.57
N GLU B 176 6.89 4.17 31.04
CA GLU B 176 8.03 4.66 30.28
C GLU B 176 8.28 3.80 29.05
N PHE B 177 8.46 4.45 27.90
CA PHE B 177 8.85 3.76 26.69
C PHE B 177 10.33 3.40 26.73
N LEU B 178 10.67 2.27 26.12
CA LEU B 178 12.05 1.78 26.11
C LEU B 178 12.61 1.84 24.71
N GLY B 179 13.89 2.21 24.62
CA GLY B 179 14.65 2.01 23.40
C GLY B 179 14.29 2.89 22.22
N LEU B 180 13.58 4.00 22.44
CA LEU B 180 13.40 4.98 21.37
C LEU B 180 14.61 5.93 21.36
N ASP B 181 15.77 5.32 21.12
CA ASP B 181 17.03 6.01 21.35
C ASP B 181 17.22 7.16 20.39
N ASN B 182 16.79 7.00 19.13
CA ASN B 182 16.92 8.08 18.16
C ASN B 182 16.13 9.31 18.60
N ILE B 183 14.92 9.12 19.11
CA ILE B 183 14.12 10.24 19.58
C ILE B 183 14.72 10.82 20.85
N LYS B 184 15.04 9.96 21.83
CA LYS B 184 15.61 10.45 23.08
C LYS B 184 16.93 11.16 22.88
N LYS B 185 17.70 10.77 21.86
CA LYS B 185 18.98 11.43 21.61
C LYS B 185 18.78 12.88 21.24
N GLU B 186 17.96 13.14 20.22
CA GLU B 186 17.70 14.50 19.79
C GLU B 186 16.81 15.27 20.76
N LEU B 187 16.18 14.57 21.72
CA LEU B 187 15.47 15.27 22.78
C LEU B 187 16.44 15.90 23.77
N LYS B 188 17.54 15.20 24.08
CA LYS B 188 18.52 15.77 24.98
C LYS B 188 19.19 16.99 24.35
N GLN B 189 19.55 16.91 23.07
CA GLN B 189 20.09 18.06 22.37
C GLN B 189 19.11 19.23 22.40
N LEU B 190 17.82 18.94 22.24
CA LEU B 190 16.82 20.01 22.25
C LEU B 190 16.70 20.62 23.65
N TYR B 191 16.79 19.80 24.70
CA TYR B 191 16.66 20.31 26.04
C TYR B 191 17.89 21.10 26.49
N LEU B 192 18.97 21.07 25.71
CA LEU B 192 20.11 21.94 25.98
C LEU B 192 19.86 23.38 25.56
N PHE B 193 18.72 23.67 24.94
CA PHE B 193 18.41 24.99 24.44
C PHE B 193 17.06 25.53 24.91
N ILE B 194 16.31 24.77 25.70
CA ILE B 194 14.96 25.16 26.10
C ILE B 194 14.83 25.06 27.61
N ASP B 195 13.75 25.64 28.13
CA ASP B 195 13.41 25.53 29.54
C ASP B 195 13.29 24.07 29.93
N VAL B 196 14.24 23.58 30.73
CA VAL B 196 14.29 22.17 31.07
C VAL B 196 13.09 21.70 31.88
N ARG B 197 12.31 22.62 32.43
CA ARG B 197 11.14 22.27 33.21
C ARG B 197 9.90 22.00 32.35
N VAL B 198 10.05 22.00 31.05
CA VAL B 198 8.90 21.88 30.14
C VAL B 198 8.59 20.41 29.91
N TYR B 199 7.30 20.12 29.73
CA TYR B 199 6.84 18.85 29.19
C TYR B 199 6.46 19.04 27.73
N LEU B 200 6.78 18.06 26.91
CA LEU B 200 6.42 18.09 25.49
C LEU B 200 5.52 16.92 25.17
N ASP B 201 4.40 17.21 24.51
CA ASP B 201 3.32 16.26 24.31
C ASP B 201 3.15 16.02 22.82
N GLY B 202 3.23 14.75 22.42
CA GLY B 202 3.14 14.44 21.01
C GLY B 202 2.78 13.00 20.75
N GLU B 203 2.98 12.59 19.50
CA GLU B 203 2.63 11.26 19.02
C GLU B 203 3.85 10.60 18.39
N LEU B 204 4.18 9.40 18.85
CA LEU B 204 5.14 8.57 18.15
C LEU B 204 4.48 8.02 16.89
N TYR B 205 5.14 8.19 15.75
CA TYR B 205 4.46 7.94 14.49
C TYR B 205 5.47 7.90 13.36
N LEU B 206 5.13 7.15 12.31
CA LEU B 206 5.88 7.13 11.07
C LEU B 206 4.87 7.00 9.95
N HIS B 207 4.82 7.99 9.06
CA HIS B 207 3.73 8.05 8.10
C HIS B 207 3.76 6.87 7.16
N ARG B 208 2.57 6.52 6.65
CA ARG B 208 2.37 5.38 5.76
C ARG B 208 2.72 4.05 6.41
N LYS B 209 2.75 4.02 7.74
CA LYS B 209 2.94 2.77 8.45
C LYS B 209 1.73 2.51 9.34
N PRO B 210 1.27 1.27 9.44
CA PRO B 210 0.06 0.99 10.22
C PRO B 210 0.27 1.26 11.71
N LEU B 211 -0.86 1.44 12.39
CA LEU B 211 -0.83 1.59 13.84
C LEU B 211 -0.31 0.33 14.52
N GLN B 212 -0.63 -0.83 13.95
CA GLN B 212 -0.20 -2.10 14.53
C GLN B 212 1.31 -2.20 14.55
N TRP B 213 1.98 -1.67 13.52
CA TRP B 213 3.43 -1.69 13.48
C TRP B 213 4.03 -0.64 14.40
N ILE B 214 3.42 0.55 14.45
CA ILE B 214 3.91 1.61 15.33
C ILE B 214 3.78 1.21 16.79
N ALA B 215 2.70 0.50 17.13
CA ALA B 215 2.49 0.10 18.52
C ALA B 215 3.56 -0.90 18.96
N GLY B 216 3.96 -1.81 18.08
CA GLY B 216 4.97 -2.79 18.44
C GLY B 216 6.31 -2.17 18.73
N GLN B 217 6.75 -1.25 17.86
CA GLN B 217 8.03 -0.59 18.05
C GLN B 217 8.11 0.13 19.38
N ALA B 218 6.99 0.66 19.87
CA ALA B 218 7.00 1.40 21.12
C ALA B 218 7.08 0.48 22.33
N ASN B 219 6.31 -0.60 22.32
CA ASN B 219 6.21 -1.47 23.49
C ASN B 219 7.31 -2.52 23.54
N ALA B 220 8.23 -2.53 22.57
CA ALA B 220 9.28 -3.52 22.51
C ALA B 220 10.57 -2.98 23.14
N LYS B 221 11.26 -3.84 23.87
CA LYS B 221 12.55 -3.46 24.45
C LYS B 221 13.52 -3.05 23.35
N THR B 222 13.70 -3.90 22.36
CA THR B 222 14.45 -3.53 21.18
C THR B 222 13.60 -2.63 20.29
N ASP B 223 14.27 -1.93 19.37
CA ASP B 223 13.59 -0.95 18.54
C ASP B 223 14.41 -0.71 17.29
N SER B 224 13.72 -0.35 16.21
CA SER B 224 14.37 -0.06 14.95
C SER B 224 14.82 1.38 14.82
N SER B 225 14.37 2.26 15.72
CA SER B 225 14.79 3.66 15.74
C SER B 225 14.45 4.35 14.42
N GLU B 226 13.24 4.10 13.91
CA GLU B 226 12.75 4.77 12.72
C GLU B 226 11.56 5.68 12.99
N LEU B 227 10.96 5.59 14.16
CA LEU B 227 9.81 6.41 14.49
C LEU B 227 10.21 7.85 14.71
N HIS B 228 9.27 8.76 14.49
CA HIS B 228 9.44 10.17 14.77
C HIS B 228 8.49 10.59 15.89
N PHE B 229 8.76 11.76 16.45
CA PHE B 229 7.97 12.30 17.56
C PHE B 229 7.41 13.65 17.11
N TYR B 230 6.11 13.70 16.89
CA TYR B 230 5.43 14.90 16.42
C TYR B 230 4.75 15.57 17.60
N VAL B 231 5.33 16.69 18.05
CA VAL B 231 4.87 17.39 19.24
C VAL B 231 3.75 18.34 18.84
N PHE B 232 2.60 18.22 19.50
CA PHE B 232 1.47 19.10 19.25
C PHE B 232 1.09 19.96 20.44
N ASP B 233 1.76 19.82 21.58
CA ASP B 233 1.38 20.55 22.77
C ASP B 233 2.51 20.50 23.78
N CYS B 234 2.49 21.45 24.71
CA CYS B 234 3.50 21.51 25.76
C CYS B 234 2.85 22.13 26.99
N PHE B 235 3.45 21.85 28.15
CA PHE B 235 2.93 22.38 29.40
C PHE B 235 4.00 22.35 30.47
N TRP B 236 3.83 23.23 31.46
CA TRP B 236 4.60 23.21 32.69
C TRP B 236 3.68 22.79 33.83
N SER B 237 4.23 22.03 34.77
CA SER B 237 3.44 21.56 35.91
C SER B 237 2.88 22.70 36.76
N ASP B 238 3.44 23.90 36.65
CA ASP B 238 2.99 24.99 37.51
C ASP B 238 1.61 25.50 37.11
N GLN B 239 1.52 26.29 36.05
CA GLN B 239 0.26 26.85 35.58
C GLN B 239 -0.25 25.99 34.43
N LEU B 240 -1.07 24.99 34.77
CA LEU B 240 -1.70 24.15 33.76
C LEU B 240 -2.92 24.81 33.13
N GLN B 241 -3.49 25.84 33.76
CA GLN B 241 -4.56 26.61 33.14
C GLN B 241 -4.03 27.63 32.13
N MET B 242 -2.74 27.55 31.80
CA MET B 242 -2.17 28.29 30.69
C MET B 242 -2.99 28.01 29.43
N PRO B 243 -3.55 29.03 28.79
CA PRO B 243 -4.44 28.79 27.63
C PRO B 243 -3.69 28.10 26.50
N SER B 244 -4.46 27.32 25.72
CA SER B 244 -3.89 26.57 24.61
C SER B 244 -3.11 27.46 23.65
N ASN B 245 -3.65 28.65 23.35
CA ASN B 245 -2.99 29.53 22.39
C ASN B 245 -1.59 29.92 22.86
N LYS B 246 -1.43 30.17 24.16
CA LYS B 246 -0.12 30.52 24.68
C LYS B 246 0.85 29.36 24.54
N ARG B 247 0.41 28.16 24.92
CA ARG B 247 1.27 26.98 24.85
C ARG B 247 1.75 26.72 23.44
N GLN B 248 0.88 26.94 22.44
CA GLN B 248 1.28 26.70 21.07
C GLN B 248 2.28 27.73 20.59
N GLN B 249 2.24 28.95 21.14
CA GLN B 249 3.18 29.97 20.72
C GLN B 249 4.54 29.78 21.38
N LEU B 250 4.55 29.37 22.65
CA LEU B 250 5.80 29.03 23.30
C LEU B 250 6.43 27.80 22.66
N LEU B 251 5.60 26.81 22.31
CA LEU B 251 6.09 25.63 21.62
C LEU B 251 6.67 26.01 20.26
N THR B 252 6.10 27.02 19.60
CA THR B 252 6.61 27.44 18.31
C THR B 252 8.04 27.95 18.41
N ASN B 253 8.35 28.71 19.45
CA ASN B 253 9.71 29.20 19.64
C ASN B 253 10.65 28.15 20.18
N ILE B 254 10.12 27.10 20.83
CA ILE B 254 10.97 25.98 21.22
C ILE B 254 11.64 25.38 20.00
N PHE B 255 10.90 25.26 18.90
CA PHE B 255 11.42 24.67 17.67
C PHE B 255 12.18 25.66 16.78
N LYS B 256 12.11 26.96 17.08
CA LYS B 256 12.91 27.92 16.35
C LYS B 256 14.31 28.12 16.93
N GLN B 257 14.56 27.60 18.13
CA GLN B 257 15.90 27.60 18.71
C GLN B 257 16.77 26.46 18.19
N LYS B 258 16.22 25.59 17.34
CA LYS B 258 16.94 24.45 16.79
C LYS B 258 16.12 23.84 15.66
N GLU B 259 16.52 24.11 14.42
CA GLU B 259 15.77 23.67 13.25
C GLU B 259 16.31 22.41 12.61
N ASP B 260 17.41 21.86 13.13
CA ASP B 260 18.16 20.82 12.44
C ASP B 260 17.76 19.40 12.81
N LEU B 261 16.76 19.22 13.68
CA LEU B 261 16.44 17.88 14.15
C LEU B 261 15.91 17.00 13.03
N THR B 262 16.10 15.70 13.19
CA THR B 262 15.68 14.70 12.21
C THR B 262 14.39 13.98 12.57
N PHE B 263 14.18 13.69 13.85
CA PHE B 263 13.07 12.85 14.27
C PHE B 263 12.01 13.59 15.09
N ILE B 264 12.25 14.84 15.47
CA ILE B 264 11.33 15.60 16.31
C ILE B 264 10.88 16.81 15.52
N HIS B 265 9.57 16.94 15.32
CA HIS B 265 8.99 18.03 14.56
C HIS B 265 7.73 18.52 15.26
N GLN B 266 7.48 19.82 15.16
CA GLN B 266 6.26 20.40 15.67
C GLN B 266 5.16 20.23 14.64
N VAL B 267 4.01 19.69 15.07
CA VAL B 267 2.89 19.52 14.15
C VAL B 267 2.39 20.90 13.72
N GLU B 268 2.11 21.02 12.42
CA GLU B 268 1.72 22.30 11.86
C GLU B 268 0.34 22.70 12.33
N ASN B 269 0.16 23.99 12.57
CA ASN B 269 -1.06 24.52 13.16
C ASN B 269 -1.83 25.35 12.13
N PHE B 270 -3.15 25.21 12.13
CA PHE B 270 -4.04 25.95 11.24
C PHE B 270 -5.13 26.61 12.07
N SER B 271 -5.33 27.91 11.86
CA SER B 271 -6.41 28.64 12.52
C SER B 271 -7.67 28.62 11.67
N VAL B 272 -8.83 28.55 12.34
CA VAL B 272 -10.12 28.45 11.66
C VAL B 272 -11.13 29.35 12.36
N LYS B 273 -12.14 29.76 11.62
CA LYS B 273 -13.17 30.65 12.12
C LYS B 273 -14.57 30.07 12.10
N ASN B 274 -14.76 28.91 11.47
CA ASN B 274 -16.06 28.26 11.42
C ASN B 274 -15.86 26.76 11.28
N VAL B 275 -16.95 26.01 11.41
CA VAL B 275 -16.88 24.56 11.34
C VAL B 275 -16.41 24.11 9.96
N ASP B 276 -16.86 24.81 8.91
CA ASP B 276 -16.57 24.34 7.56
C ASP B 276 -15.09 24.51 7.19
N GLU B 277 -14.41 25.49 7.80
CA GLU B 277 -12.96 25.59 7.59
C GLU B 277 -12.26 24.37 8.17
N ALA B 278 -12.64 23.96 9.38
CA ALA B 278 -12.04 22.78 9.99
C ALA B 278 -12.33 21.54 9.17
N LEU B 279 -13.57 21.37 8.71
CA LEU B 279 -13.90 20.20 7.92
C LEU B 279 -13.20 20.21 6.57
N ARG B 280 -12.93 21.40 6.02
CA ARG B 280 -12.18 21.46 4.77
C ARG B 280 -10.76 20.96 4.97
N LEU B 281 -10.16 21.25 6.12
CA LEU B 281 -8.84 20.71 6.44
C LEU B 281 -8.91 19.23 6.78
N LYS B 282 -9.97 18.81 7.48
CA LYS B 282 -10.14 17.40 7.81
C LYS B 282 -10.13 16.54 6.56
N ALA B 283 -10.84 16.96 5.51
CA ALA B 283 -10.82 16.24 4.25
C ALA B 283 -9.40 16.20 3.67
N GLN B 284 -8.68 17.31 3.76
CA GLN B 284 -7.30 17.36 3.27
C GLN B 284 -6.42 16.36 4.02
N PHE B 285 -6.53 16.35 5.35
CA PHE B 285 -5.67 15.48 6.15
C PHE B 285 -5.90 14.01 5.83
N ILE B 286 -7.14 13.64 5.52
CA ILE B 286 -7.43 12.24 5.22
C ILE B 286 -6.91 11.87 3.83
N LYS B 287 -6.80 12.84 2.93
CA LYS B 287 -6.25 12.54 1.61
C LYS B 287 -4.73 12.46 1.63
N GLU B 288 -4.08 13.14 2.58
CA GLU B 288 -2.66 12.98 2.77
C GLU B 288 -2.31 11.70 3.52
N GLY B 289 -3.31 10.96 4.01
CA GLY B 289 -3.08 9.68 4.65
C GLY B 289 -3.27 9.66 6.14
N TYR B 290 -3.69 10.77 6.74
CA TYR B 290 -3.75 10.87 8.20
C TYR B 290 -5.12 10.44 8.71
N GLU B 291 -5.23 10.35 10.04
CA GLU B 291 -6.41 9.80 10.67
C GLU B 291 -7.54 10.81 10.75
N GLY B 292 -7.22 12.10 10.82
CA GLY B 292 -8.25 13.11 10.98
C GLY B 292 -7.65 14.45 11.34
N ALA B 293 -8.44 15.24 12.06
CA ALA B 293 -8.04 16.58 12.47
C ALA B 293 -8.41 16.80 13.91
N ILE B 294 -7.61 17.61 14.59
CA ILE B 294 -7.83 17.96 15.99
C ILE B 294 -8.13 19.46 16.07
N VAL B 295 -9.20 19.81 16.79
CA VAL B 295 -9.58 21.19 17.03
C VAL B 295 -9.42 21.45 18.52
N ARG B 296 -8.81 22.58 18.87
CA ARG B 296 -8.54 22.93 20.25
C ARG B 296 -9.03 24.34 20.55
N ASN B 297 -9.79 24.47 21.64
CA ASN B 297 -10.23 25.78 22.08
C ASN B 297 -9.03 26.66 22.37
N ALA B 298 -9.12 27.93 21.96
CA ALA B 298 -7.97 28.83 22.07
C ALA B 298 -7.62 29.10 23.52
N ASN B 299 -8.64 29.24 24.38
CA ASN B 299 -8.43 29.53 25.80
C ASN B 299 -8.62 28.29 26.67
N GLY B 300 -8.26 27.11 26.14
CA GLY B 300 -8.41 25.88 26.88
C GLY B 300 -7.19 25.54 27.71
N PRO B 301 -7.42 25.17 28.96
CA PRO B 301 -6.30 24.78 29.82
C PRO B 301 -5.75 23.41 29.44
N TYR B 302 -4.74 22.94 30.17
CA TYR B 302 -4.24 21.58 30.01
C TYR B 302 -4.80 20.72 31.14
N GLU B 303 -5.69 19.79 30.80
CA GLU B 303 -6.32 18.93 31.78
C GLU B 303 -5.75 17.52 31.68
N PRO B 304 -4.81 17.14 32.54
CA PRO B 304 -4.20 15.80 32.45
C PRO B 304 -5.24 14.70 32.59
N GLY B 305 -4.91 13.54 32.04
CA GLY B 305 -5.84 12.43 31.94
C GLY B 305 -5.97 11.54 33.16
N TYR B 306 -6.20 12.13 34.34
CA TYR B 306 -6.47 11.34 35.53
C TYR B 306 -7.79 10.60 35.37
N ASN B 307 -7.81 9.33 35.78
CA ASN B 307 -8.88 8.39 35.43
C ASN B 307 -9.26 8.48 33.96
N ASN B 308 -8.29 8.71 33.08
CA ASN B 308 -8.55 8.88 31.67
C ASN B 308 -9.68 9.89 31.47
N TYR B 309 -9.47 11.08 32.03
CA TYR B 309 -10.45 12.15 31.90
C TYR B 309 -10.21 12.89 30.60
N HIS B 310 -11.28 13.16 29.86
CA HIS B 310 -11.21 13.76 28.55
C HIS B 310 -11.64 15.22 28.63
N SER B 311 -10.78 16.12 28.16
CA SER B 311 -11.03 17.55 28.27
C SER B 311 -12.00 18.00 27.19
N ALA B 312 -12.92 18.89 27.57
CA ALA B 312 -13.91 19.41 26.65
C ALA B 312 -13.38 20.57 25.80
N HIS B 313 -12.12 20.94 25.96
CA HIS B 313 -11.50 21.98 25.15
C HIS B 313 -10.80 21.42 23.92
N LEU B 314 -11.03 20.15 23.61
CA LEU B 314 -10.47 19.51 22.43
C LEU B 314 -11.57 18.80 21.68
N ALA B 315 -11.39 18.66 20.37
CA ALA B 315 -12.34 17.93 19.54
C ALA B 315 -11.57 17.15 18.49
N LYS B 316 -12.04 15.94 18.20
CA LYS B 316 -11.44 15.09 17.19
C LYS B 316 -12.42 14.89 16.05
N LEU B 317 -11.96 15.14 14.82
CA LEU B 317 -12.74 14.93 13.61
C LEU B 317 -12.12 13.76 12.87
N LYS B 318 -12.88 12.67 12.72
CA LYS B 318 -12.34 11.43 12.21
C LYS B 318 -13.47 10.67 11.52
N PRO B 319 -13.20 10.07 10.36
CA PRO B 319 -14.26 9.39 9.62
C PRO B 319 -14.87 8.21 10.35
N LEU B 320 -16.14 8.35 10.70
CA LEU B 320 -16.95 7.21 11.13
C LEU B 320 -17.14 6.27 9.95
N LEU B 321 -16.70 5.02 10.10
CA LEU B 321 -16.83 4.03 9.04
C LEU B 321 -17.76 2.93 9.48
N ASP B 322 -18.70 2.57 8.61
CA ASP B 322 -19.63 1.49 8.86
C ASP B 322 -19.62 0.53 7.69
N ALA B 323 -19.92 -0.73 7.98
CA ALA B 323 -20.07 -1.78 6.99
C ALA B 323 -20.93 -2.87 7.60
N GLU B 324 -21.25 -3.87 6.79
CA GLU B 324 -22.09 -4.96 7.24
C GLU B 324 -21.36 -6.28 7.08
N PHE B 325 -21.54 -7.19 8.04
CA PHE B 325 -20.74 -8.40 8.09
C PHE B 325 -21.63 -9.59 8.44
N ILE B 326 -21.29 -10.75 7.88
CA ILE B 326 -22.14 -11.93 8.02
C ILE B 326 -22.04 -12.45 9.44
N LEU B 327 -23.16 -12.47 10.15
CA LEU B 327 -23.20 -13.08 11.47
C LEU B 327 -23.17 -14.59 11.33
N VAL B 328 -22.42 -15.25 12.21
CA VAL B 328 -22.20 -16.69 12.09
C VAL B 328 -22.49 -17.41 13.41
N ASP B 329 -22.22 -16.74 14.52
CA ASP B 329 -22.43 -17.39 15.82
C ASP B 329 -22.57 -16.34 16.90
N TYR B 330 -22.87 -16.80 18.10
CA TYR B 330 -23.04 -15.95 19.27
C TYR B 330 -22.26 -16.46 20.46
N THR B 331 -21.93 -15.60 21.39
CA THR B 331 -21.11 -15.99 22.52
C THR B 331 -21.36 -15.14 23.76
N GLN B 332 -20.55 -15.27 24.79
CA GLN B 332 -20.74 -14.49 25.98
C GLN B 332 -19.49 -14.06 26.68
N GLY B 333 -19.58 -12.98 27.43
CA GLY B 333 -18.47 -12.61 28.28
C GLY B 333 -18.23 -13.66 29.36
N LYS B 334 -17.19 -13.43 30.14
CA LYS B 334 -16.76 -14.42 31.11
C LYS B 334 -16.39 -13.88 32.48
N LYS B 335 -16.34 -12.56 32.68
CA LYS B 335 -15.87 -12.03 33.94
C LYS B 335 -16.72 -10.85 34.39
N GLY B 336 -17.23 -10.92 35.61
CA GLY B 336 -17.89 -9.78 36.23
C GLY B 336 -19.19 -9.40 35.55
N LYS B 337 -19.35 -8.11 35.27
CA LYS B 337 -20.63 -7.60 34.78
C LYS B 337 -20.94 -8.12 33.38
N ASP B 338 -19.94 -8.47 32.59
CA ASP B 338 -20.17 -8.98 31.25
C ASP B 338 -20.31 -10.50 31.22
N LEU B 339 -20.16 -11.17 32.36
CA LEU B 339 -20.37 -12.61 32.43
C LEU B 339 -21.85 -12.91 32.18
N GLY B 340 -22.14 -13.47 31.00
CA GLY B 340 -23.50 -13.77 30.62
C GLY B 340 -24.10 -12.83 29.61
N ALA B 341 -23.36 -11.83 29.14
CA ALA B 341 -23.85 -10.86 28.18
C ALA B 341 -23.55 -11.30 26.75
N ILE B 342 -24.54 -11.14 25.87
CA ILE B 342 -24.40 -11.59 24.50
C ILE B 342 -23.31 -10.79 23.78
N LEU B 343 -22.57 -11.47 22.90
CA LEU B 343 -21.71 -10.83 21.93
C LEU B 343 -21.78 -11.62 20.63
N TRP B 344 -21.66 -10.92 19.51
CA TRP B 344 -21.82 -11.53 18.20
C TRP B 344 -20.52 -12.17 17.74
N VAL B 345 -20.63 -13.06 16.76
CA VAL B 345 -19.48 -13.68 16.09
C VAL B 345 -19.75 -13.60 14.60
N CYS B 346 -19.10 -12.67 13.92
CA CYS B 346 -19.26 -12.49 12.49
C CYS B 346 -18.20 -13.29 11.73
N GLU B 347 -18.12 -13.07 10.42
CA GLU B 347 -17.19 -13.77 9.55
C GLU B 347 -17.07 -12.98 8.26
N LEU B 348 -15.87 -12.97 7.69
CA LEU B 348 -15.52 -12.09 6.58
C LEU B 348 -15.40 -12.81 5.24
N PRO B 349 -15.16 -12.08 4.15
CA PRO B 349 -14.72 -12.75 2.90
C PRO B 349 -13.64 -13.77 3.17
N ASN B 350 -12.63 -13.41 3.95
CA ASN B 350 -11.56 -14.31 4.35
C ASN B 350 -12.09 -15.53 5.12
N LYS B 351 -13.36 -15.53 5.51
CA LYS B 351 -13.99 -16.63 6.25
C LYS B 351 -13.32 -16.85 7.60
N LYS B 352 -12.62 -15.82 8.07
CA LYS B 352 -12.06 -15.77 9.42
C LYS B 352 -13.03 -15.04 10.32
N ARG B 353 -13.16 -15.51 11.56
CA ARG B 353 -14.20 -15.03 12.45
C ARG B 353 -13.63 -14.09 13.50
N PHE B 354 -14.51 -13.26 14.04
CA PHE B 354 -14.15 -12.28 15.06
C PHE B 354 -15.38 -11.97 15.90
N VAL B 355 -15.21 -11.15 16.91
CA VAL B 355 -16.25 -10.85 17.89
C VAL B 355 -16.58 -9.37 17.82
N VAL B 356 -17.86 -9.04 17.98
CA VAL B 356 -18.33 -7.66 18.04
C VAL B 356 -19.15 -7.47 19.31
N THR B 357 -18.86 -6.42 20.02
CA THR B 357 -19.72 -6.06 21.14
C THR B 357 -20.87 -5.19 20.65
N PRO B 358 -22.10 -5.52 21.01
CA PRO B 358 -23.24 -4.65 20.63
C PRO B 358 -23.09 -3.28 21.25
N LYS B 359 -23.92 -2.35 20.80
CA LYS B 359 -23.78 -0.97 21.23
C LYS B 359 -24.94 -0.52 22.10
N HIS B 360 -26.10 -0.25 21.50
CA HIS B 360 -27.24 0.35 22.21
C HIS B 360 -28.12 -0.69 22.92
N LEU B 361 -27.54 -1.70 23.55
CA LEU B 361 -28.33 -2.71 24.28
C LEU B 361 -27.83 -2.80 25.71
N THR B 362 -28.74 -2.54 26.66
CA THR B 362 -28.40 -2.58 28.08
C THR B 362 -27.94 -3.97 28.51
N TYR B 363 -27.05 -3.99 29.52
CA TYR B 363 -26.66 -5.25 30.15
C TYR B 363 -27.87 -6.01 30.68
N ALA B 364 -28.89 -5.30 31.15
CA ALA B 364 -30.14 -5.95 31.55
C ALA B 364 -30.72 -6.75 30.39
N ASP B 365 -30.68 -6.18 29.18
CA ASP B 365 -31.12 -6.93 28.01
C ASP B 365 -30.22 -8.12 27.75
N ARG B 366 -28.91 -7.87 27.56
CA ARG B 366 -28.03 -8.91 27.05
C ARG B 366 -27.91 -10.10 27.99
N TYR B 367 -28.18 -9.93 29.28
CA TYR B 367 -28.33 -11.09 30.15
C TYR B 367 -29.49 -11.94 29.70
N ALA B 368 -30.64 -11.32 29.38
CA ALA B 368 -31.81 -12.06 28.97
C ALA B 368 -31.61 -12.70 27.59
N LEU B 369 -31.32 -11.88 26.57
CA LEU B 369 -31.11 -12.42 25.24
C LEU B 369 -29.85 -13.24 25.12
N PHE B 370 -29.22 -13.63 26.22
CA PHE B 370 -28.24 -14.71 26.19
C PHE B 370 -28.86 -16.05 26.59
N GLN B 371 -29.80 -16.02 27.53
CA GLN B 371 -30.40 -17.24 28.06
C GLN B 371 -31.31 -17.92 27.04
N LYS B 372 -32.00 -17.14 26.20
CA LYS B 372 -33.07 -17.70 25.40
C LYS B 372 -32.62 -18.36 24.08
N LEU B 373 -31.56 -17.89 23.45
CA LEU B 373 -31.24 -18.46 22.13
C LEU B 373 -30.60 -19.82 22.23
N THR B 374 -30.86 -20.62 21.22
CA THR B 374 -30.37 -21.94 20.99
C THR B 374 -29.85 -22.03 19.56
N PRO B 375 -28.80 -22.81 19.32
CA PRO B 375 -28.31 -22.99 17.95
C PRO B 375 -29.39 -23.31 16.94
N ALA B 376 -30.47 -23.95 17.34
CA ALA B 376 -31.56 -24.25 16.42
C ALA B 376 -32.29 -22.98 15.99
N LEU B 377 -32.71 -22.16 16.95
CA LEU B 377 -33.42 -20.92 16.61
C LEU B 377 -32.49 -19.88 16.02
N PHE B 378 -31.18 -20.00 16.23
CA PHE B 378 -30.24 -19.06 15.65
C PHE B 378 -30.18 -19.21 14.14
N LYS B 379 -30.22 -20.44 13.64
CA LYS B 379 -30.22 -20.70 12.20
C LYS B 379 -31.60 -20.60 11.58
N LYS B 380 -32.44 -19.67 12.04
CA LYS B 380 -33.74 -19.46 11.44
C LYS B 380 -33.87 -18.08 10.80
N HIS B 381 -33.62 -17.02 11.56
CA HIS B 381 -33.71 -15.66 11.02
C HIS B 381 -32.39 -14.91 11.07
N LEU B 382 -31.61 -15.09 12.14
CA LEU B 382 -30.45 -14.24 12.40
C LEU B 382 -29.21 -14.76 11.69
N TYR B 383 -29.02 -16.08 11.64
CA TYR B 383 -27.88 -16.62 10.92
C TYR B 383 -27.95 -16.21 9.45
N GLY B 384 -26.85 -15.67 8.94
CA GLY B 384 -26.79 -15.20 7.57
C GLY B 384 -27.20 -13.75 7.38
N LYS B 385 -27.90 -13.17 8.35
CA LYS B 385 -28.30 -11.78 8.27
C LYS B 385 -27.07 -10.87 8.27
N GLU B 386 -27.30 -9.60 7.93
CA GLU B 386 -26.24 -8.61 7.81
C GLU B 386 -26.31 -7.66 9.00
N LEU B 387 -25.20 -7.57 9.73
CA LEU B 387 -25.10 -6.76 10.95
C LEU B 387 -24.32 -5.49 10.66
N THR B 388 -24.86 -4.33 11.06
CA THR B 388 -24.16 -3.07 10.87
C THR B 388 -23.08 -2.95 11.91
N VAL B 389 -21.85 -2.75 11.47
CA VAL B 389 -20.73 -2.60 12.38
C VAL B 389 -20.00 -1.32 12.02
N GLU B 390 -19.96 -0.37 12.96
CA GLU B 390 -19.13 0.81 12.82
C GLU B 390 -17.77 0.53 13.46
N TYR B 391 -16.71 0.96 12.77
CA TYR B 391 -15.36 0.65 13.18
C TYR B 391 -14.45 1.80 12.81
N ALA B 392 -13.25 1.80 13.38
CA ALA B 392 -12.27 2.83 13.06
C ALA B 392 -11.44 2.47 11.83
N GLU B 393 -11.06 1.21 11.69
CA GLU B 393 -10.23 0.78 10.57
C GLU B 393 -10.22 -0.74 10.51
N LEU B 394 -9.78 -1.27 9.38
CA LEU B 394 -9.66 -2.70 9.15
C LEU B 394 -8.23 -3.13 9.41
N SER B 395 -8.08 -4.24 10.12
CA SER B 395 -6.77 -4.83 10.41
C SER B 395 -5.99 -5.04 9.12
N PRO B 396 -4.83 -4.39 8.95
CA PRO B 396 -4.09 -4.49 7.68
C PRO B 396 -3.55 -5.87 7.39
N LYS B 397 -3.64 -6.81 8.33
CA LYS B 397 -3.12 -8.16 8.12
C LYS B 397 -4.21 -9.22 8.06
N THR B 398 -5.42 -8.92 8.51
CA THR B 398 -6.53 -9.87 8.43
C THR B 398 -7.83 -9.28 7.93
N GLY B 399 -7.97 -7.96 7.82
CA GLY B 399 -9.23 -7.38 7.44
C GLY B 399 -10.29 -7.35 8.52
N ILE B 400 -9.95 -7.75 9.74
CA ILE B 400 -10.91 -7.64 10.84
C ILE B 400 -11.21 -6.17 11.10
N PRO B 401 -12.46 -5.77 11.32
CA PRO B 401 -12.73 -4.39 11.72
C PRO B 401 -12.31 -4.16 13.17
N LEU B 402 -11.47 -3.16 13.39
CA LEU B 402 -10.99 -2.83 14.72
C LEU B 402 -11.79 -1.69 15.32
N GLN B 403 -11.94 -1.73 16.63
CA GLN B 403 -12.75 -0.80 17.37
C GLN B 403 -14.15 -0.88 16.82
N ALA B 404 -14.70 -2.08 16.83
CA ALA B 404 -15.95 -2.40 16.16
C ALA B 404 -17.10 -2.51 17.15
N ARG B 405 -18.26 -1.99 16.76
CA ARG B 405 -19.50 -2.11 17.52
C ARG B 405 -20.63 -2.47 16.58
N ALA B 406 -21.62 -3.17 17.12
CA ALA B 406 -22.80 -3.55 16.35
C ALA B 406 -23.94 -2.60 16.72
N VAL B 407 -24.27 -1.69 15.82
CA VAL B 407 -25.35 -0.75 16.08
C VAL B 407 -26.70 -1.42 15.85
N GLY B 408 -26.80 -2.27 14.83
CA GLY B 408 -28.04 -2.97 14.56
C GLY B 408 -27.94 -3.74 13.26
N PHE B 409 -29.10 -4.16 12.77
CA PHE B 409 -29.19 -4.89 11.52
C PHE B 409 -29.94 -4.06 10.50
N ARG B 410 -29.97 -4.56 9.27
CA ARG B 410 -30.79 -3.93 8.26
C ARG B 410 -32.25 -4.33 8.44
N GLU B 411 -32.50 -5.58 8.82
CA GLU B 411 -33.80 -6.04 9.28
C GLU B 411 -33.75 -6.26 10.79
N PRO B 412 -34.10 -5.25 11.59
CA PRO B 412 -33.95 -5.35 13.05
C PRO B 412 -34.79 -6.46 13.66
N ILE B 413 -34.57 -6.70 14.94
CA ILE B 413 -35.31 -7.72 15.68
C ILE B 413 -35.68 -7.18 17.05
N ASN B 414 -36.09 -8.09 17.96
CA ASN B 414 -36.45 -7.69 19.31
C ASN B 414 -35.37 -8.07 20.30
CL CL G . -4.49 -0.50 -5.98
CL CL H . 1.71 18.62 11.21
#